data_2IXC
#
_entry.id   2IXC
#
_cell.length_a   44.778
_cell.length_b   56.845
_cell.length_c   90.700
_cell.angle_alpha   89.90
_cell.angle_beta   78.28
_cell.angle_gamma   82.33
#
_symmetry.space_group_name_H-M   'P 1'
#
loop_
_entity.id
_entity.type
_entity.pdbx_description
1 polymer 'DTDP-4-DEHYDRORHAMNOSE 3,5-EPIMERASE RMLC'
2 non-polymer "2'-DEOXY-THYMIDINE-BETA-L-RHAMNOSE"
3 water water
#
_entity_poly.entity_id   1
_entity_poly.type   'polypeptide(L)'
_entity_poly.pdbx_seq_one_letter_code
;MKARELDVPGAWEITPTIHVDSRGLFFEWLTDHGFRAFAGHSLDVRQVNCSVSSAGVLRGLHFAQLPPSQAKYVTCVSGS
VFDVVVDIREGSPTFGRWDSVLLDDQDRRTIYVSEGLAHGFLALQDNSTVMYLCSAEYNPQREHTICATDPTLAVDWPLV
DGAAPSLSDRDAAAPSFEDVRASGLLPRWEQTQRFIGEMRGT
;
_entity_poly.pdbx_strand_id   A,B,C,D
#
# COMPACT_ATOMS: atom_id res chain seq x y z
N MET A 1 -20.51 4.08 -25.64
CA MET A 1 -20.56 3.06 -26.71
C MET A 1 -21.88 3.05 -27.47
N LYS A 2 -21.79 2.88 -28.79
CA LYS A 2 -22.94 2.76 -29.66
C LYS A 2 -23.03 1.30 -30.11
N ALA A 3 -24.24 0.78 -30.27
CA ALA A 3 -24.43 -0.58 -30.76
C ALA A 3 -25.49 -0.63 -31.85
N ARG A 4 -25.10 -1.18 -33.00
CA ARG A 4 -25.93 -1.21 -34.21
C ARG A 4 -26.17 -2.67 -34.61
N GLU A 5 -27.43 -3.09 -34.63
CA GLU A 5 -27.71 -4.47 -34.99
C GLU A 5 -27.46 -4.70 -36.49
N LEU A 6 -26.74 -5.77 -36.81
CA LEU A 6 -26.46 -6.09 -38.21
C LEU A 6 -27.67 -6.64 -38.97
N ASP A 7 -27.50 -6.87 -40.26
CA ASP A 7 -28.61 -7.37 -41.09
C ASP A 7 -28.93 -8.81 -40.73
N VAL A 8 -27.97 -9.46 -40.05
CA VAL A 8 -28.21 -10.76 -39.44
C VAL A 8 -28.63 -10.48 -38.00
N PRO A 9 -29.93 -10.64 -37.68
CA PRO A 9 -30.38 -10.38 -36.31
C PRO A 9 -29.60 -11.18 -35.27
N GLY A 10 -29.26 -10.53 -34.16
CA GLY A 10 -28.55 -11.23 -33.10
C GLY A 10 -27.05 -11.02 -33.22
N ALA A 11 -26.64 -10.19 -34.18
CA ALA A 11 -25.24 -9.74 -34.25
C ALA A 11 -25.21 -8.23 -34.31
N TRP A 12 -24.26 -7.64 -33.60
CA TRP A 12 -24.18 -6.19 -33.44
C TRP A 12 -22.77 -5.65 -33.68
N GLU A 13 -22.69 -4.46 -34.26
CA GLU A 13 -21.41 -3.77 -34.33
C GLU A 13 -21.38 -2.71 -33.22
N ILE A 14 -20.36 -2.80 -32.38
CA ILE A 14 -20.18 -1.88 -31.26
C ILE A 14 -19.07 -0.87 -31.59
N THR A 15 -19.32 0.40 -31.26
CA THR A 15 -18.38 1.47 -31.49
C THR A 15 -17.94 2.03 -30.14
N PRO A 16 -16.64 2.04 -29.85
CA PRO A 16 -16.15 2.51 -28.54
C PRO A 16 -16.08 4.02 -28.47
N THR A 17 -16.04 4.56 -27.25
CA THR A 17 -15.64 5.95 -27.02
C THR A 17 -14.15 5.93 -26.71
N ILE A 18 -13.34 6.42 -27.64
CA ILE A 18 -11.88 6.39 -27.48
C ILE A 18 -11.43 7.74 -26.90
N HIS A 19 -10.75 7.69 -25.75
CA HIS A 19 -10.22 8.89 -25.10
C HIS A 19 -8.75 9.02 -25.44
N VAL A 20 -8.42 10.04 -26.23
CA VAL A 20 -7.06 10.24 -26.73
C VAL A 20 -6.36 11.35 -25.95
N ASP A 21 -5.10 11.13 -25.58
CA ASP A 21 -4.27 12.19 -24.99
C ASP A 21 -2.82 12.09 -25.48
N SER A 22 -1.92 12.88 -24.90
CA SER A 22 -0.53 12.90 -25.37
C SER A 22 0.20 11.58 -25.12
N ARG A 23 -0.32 10.76 -24.20
CA ARG A 23 0.25 9.45 -23.79
C ARG A 23 -0.09 8.32 -24.75
N GLY A 24 -1.19 8.46 -25.47
CA GLY A 24 -1.75 7.35 -26.25
C GLY A 24 -3.25 7.42 -26.16
N LEU A 25 -3.89 6.30 -25.82
CA LEU A 25 -5.35 6.29 -25.77
C LEU A 25 -5.89 5.31 -24.74
N PHE A 26 -7.19 5.42 -24.47
CA PHE A 26 -7.89 4.58 -23.51
C PHE A 26 -9.33 4.40 -23.96
N PHE A 27 -9.82 3.16 -23.88
CA PHE A 27 -11.26 2.91 -24.01
C PHE A 27 -11.76 1.74 -23.15
N GLU A 28 -13.04 1.81 -22.80
CA GLU A 28 -13.72 0.73 -22.11
C GLU A 28 -14.20 -0.21 -23.22
N TRP A 29 -13.57 -1.38 -23.32
CA TRP A 29 -13.94 -2.32 -24.41
C TRP A 29 -15.32 -2.92 -24.17
N LEU A 30 -15.58 -3.36 -22.94
CA LEU A 30 -16.91 -3.83 -22.55
C LEU A 30 -17.24 -3.31 -21.15
N THR A 31 -18.50 -2.89 -20.93
CA THR A 31 -19.00 -2.68 -19.56
C THR A 31 -20.25 -3.52 -19.39
N ASP A 32 -20.49 -4.01 -18.18
CA ASP A 32 -21.71 -4.77 -17.95
C ASP A 32 -22.94 -3.93 -18.31
N HIS A 33 -22.97 -2.66 -17.90
CA HIS A 33 -24.15 -1.80 -18.18
C HIS A 33 -24.33 -1.60 -19.68
N GLY A 34 -23.21 -1.42 -20.39
CA GLY A 34 -23.23 -1.18 -21.83
C GLY A 34 -23.69 -2.40 -22.59
N PHE A 35 -23.21 -3.57 -22.15
CA PHE A 35 -23.57 -4.84 -22.79
C PHE A 35 -25.05 -5.16 -22.59
N ARG A 36 -25.51 -5.06 -21.34
CA ARG A 36 -26.94 -5.30 -21.01
C ARG A 36 -27.86 -4.41 -21.84
N ALA A 37 -27.44 -3.15 -22.02
CA ALA A 37 -28.21 -2.13 -22.77
C ALA A 37 -28.61 -2.56 -24.18
N PHE A 38 -27.76 -3.35 -24.86
CA PHE A 38 -28.12 -3.84 -26.20
C PHE A 38 -28.53 -5.30 -26.24
N ALA A 39 -27.95 -6.12 -25.36
CA ALA A 39 -28.19 -7.57 -25.39
C ALA A 39 -29.36 -8.03 -24.51
N GLY A 40 -29.71 -7.26 -23.48
CA GLY A 40 -30.84 -7.60 -22.59
C GLY A 40 -30.48 -8.51 -21.42
N HIS A 41 -29.20 -8.90 -21.34
CA HIS A 41 -28.70 -9.72 -20.22
C HIS A 41 -27.20 -9.48 -20.10
N SER A 42 -26.62 -9.93 -18.99
CA SER A 42 -25.16 -9.80 -18.80
C SER A 42 -24.39 -10.86 -19.59
N LEU A 43 -23.17 -10.53 -20.03
CA LEU A 43 -22.33 -11.50 -20.70
C LEU A 43 -21.56 -12.30 -19.65
N ASP A 44 -21.80 -13.60 -19.62
CA ASP A 44 -21.12 -14.49 -18.68
C ASP A 44 -19.82 -14.93 -19.31
N VAL A 45 -18.75 -14.19 -19.04
CA VAL A 45 -17.45 -14.44 -19.64
C VAL A 45 -16.83 -15.65 -19.00
N ARG A 46 -16.83 -16.76 -19.73
CA ARG A 46 -16.29 -18.02 -19.20
C ARG A 46 -14.90 -18.34 -19.79
N GLN A 47 -14.52 -17.65 -20.86
CA GLN A 47 -13.23 -17.82 -21.51
C GLN A 47 -12.91 -16.60 -22.37
N VAL A 48 -11.62 -16.31 -22.53
CA VAL A 48 -11.20 -15.25 -23.44
C VAL A 48 -10.05 -15.78 -24.26
N ASN A 49 -10.17 -15.68 -25.58
CA ASN A 49 -9.19 -16.21 -26.50
C ASN A 49 -8.49 -15.11 -27.26
N CYS A 50 -7.30 -15.43 -27.76
CA CYS A 50 -6.53 -14.49 -28.57
C CYS A 50 -5.85 -15.24 -29.72
N SER A 51 -5.87 -14.66 -30.92
CA SER A 51 -5.17 -15.23 -32.04
C SER A 51 -4.42 -14.14 -32.78
N VAL A 52 -3.32 -14.53 -33.42
CA VAL A 52 -2.53 -13.63 -34.26
C VAL A 52 -2.41 -14.31 -35.62
N SER A 53 -2.63 -13.55 -36.70
CA SER A 53 -2.74 -14.10 -38.04
C SER A 53 -1.98 -13.23 -39.03
N SER A 54 -1.37 -13.87 -40.02
CA SER A 54 -0.68 -13.17 -41.09
C SER A 54 -1.71 -12.76 -42.16
N ALA A 55 -1.31 -11.87 -43.07
CA ALA A 55 -2.21 -11.41 -44.12
C ALA A 55 -2.75 -12.57 -44.93
N GLY A 56 -4.05 -12.57 -45.19
CA GLY A 56 -4.64 -13.59 -46.05
C GLY A 56 -5.09 -14.85 -45.32
N VAL A 57 -4.76 -14.95 -44.03
CA VAL A 57 -5.29 -16.04 -43.22
C VAL A 57 -6.80 -15.89 -43.01
N LEU A 58 -7.56 -16.94 -43.31
CA LEU A 58 -9.00 -16.97 -43.04
C LEU A 58 -9.28 -18.04 -41.99
N ARG A 59 -9.86 -17.61 -40.85
CA ARG A 59 -10.31 -18.51 -39.80
C ARG A 59 -11.85 -18.56 -39.81
N GLY A 60 -12.40 -19.76 -39.99
CA GLY A 60 -13.86 -19.92 -40.02
C GLY A 60 -14.33 -20.94 -41.07
N LEU A 61 -15.64 -21.11 -41.24
CA LEU A 61 -16.72 -20.51 -40.46
C LEU A 61 -17.01 -21.40 -39.26
N HIS A 62 -17.08 -20.80 -38.08
CA HIS A 62 -17.18 -21.59 -36.84
C HIS A 62 -18.44 -21.34 -36.05
N PHE A 63 -18.98 -22.41 -35.46
CA PHE A 63 -20.11 -22.28 -34.55
C PHE A 63 -20.07 -23.33 -33.45
N ALA A 64 -20.93 -23.16 -32.46
CA ALA A 64 -21.07 -24.06 -31.33
C ALA A 64 -22.54 -24.48 -31.25
N GLN A 65 -22.78 -25.79 -31.14
CA GLN A 65 -24.13 -26.36 -30.97
C GLN A 65 -24.87 -25.75 -29.79
N LEU A 66 -26.18 -25.60 -29.96
CA LEU A 66 -27.05 -25.14 -28.90
C LEU A 66 -27.73 -26.37 -28.25
N PRO A 67 -27.78 -26.42 -26.90
CA PRO A 67 -27.24 -25.47 -25.93
C PRO A 67 -25.87 -25.89 -25.37
N PRO A 68 -25.14 -24.93 -24.74
CA PRO A 68 -25.41 -23.50 -24.59
C PRO A 68 -24.83 -22.63 -25.74
N SER A 69 -24.29 -23.28 -26.77
CA SER A 69 -23.53 -22.62 -27.83
C SER A 69 -22.41 -21.75 -27.22
N GLN A 70 -21.99 -20.70 -27.91
CA GLN A 70 -20.93 -19.83 -27.42
C GLN A 70 -21.08 -18.47 -28.07
N ALA A 71 -21.52 -17.48 -27.30
CA ALA A 71 -21.54 -16.10 -27.79
C ALA A 71 -20.11 -15.56 -27.70
N LYS A 72 -19.80 -14.65 -28.61
CA LYS A 72 -18.45 -14.10 -28.75
C LYS A 72 -18.52 -12.58 -28.90
N TYR A 73 -17.67 -11.87 -28.16
CA TYR A 73 -17.55 -10.41 -28.26
C TYR A 73 -16.14 -10.20 -28.76
N VAL A 74 -16.03 -9.76 -30.03
CA VAL A 74 -14.79 -9.89 -30.81
C VAL A 74 -14.25 -8.55 -31.29
N THR A 75 -12.95 -8.33 -31.15
CA THR A 75 -12.32 -7.09 -31.59
C THR A 75 -10.91 -7.32 -32.13
N CYS A 76 -10.42 -6.36 -32.90
CA CYS A 76 -9.08 -6.46 -33.44
C CYS A 76 -8.23 -5.38 -32.76
N VAL A 77 -7.16 -5.80 -32.08
CA VAL A 77 -6.29 -4.88 -31.31
C VAL A 77 -4.96 -4.54 -32.02
N SER A 78 -4.69 -5.19 -33.15
CA SER A 78 -3.58 -4.80 -34.04
C SER A 78 -3.86 -5.30 -35.45
N GLY A 79 -3.54 -4.47 -36.44
CA GLY A 79 -3.80 -4.84 -37.82
C GLY A 79 -5.26 -4.64 -38.17
N SER A 80 -5.82 -5.55 -38.98
CA SER A 80 -7.21 -5.46 -39.40
C SER A 80 -7.71 -6.75 -39.98
N VAL A 81 -8.99 -7.02 -39.74
CA VAL A 81 -9.65 -8.21 -40.29
C VAL A 81 -10.99 -7.82 -40.86
N PHE A 82 -11.38 -8.54 -41.92
CA PHE A 82 -12.70 -8.53 -42.47
C PHE A 82 -13.47 -9.66 -41.77
N ASP A 83 -14.42 -9.27 -40.93
CA ASP A 83 -15.15 -10.18 -40.06
C ASP A 83 -16.57 -10.43 -40.59
N VAL A 84 -16.98 -11.69 -40.59
CA VAL A 84 -18.26 -12.12 -41.14
C VAL A 84 -19.07 -12.94 -40.13
N VAL A 85 -20.38 -12.70 -40.12
CA VAL A 85 -21.33 -13.51 -39.37
C VAL A 85 -22.37 -14.07 -40.37
N VAL A 86 -22.77 -15.32 -40.16
CA VAL A 86 -23.68 -16.06 -41.06
C VAL A 86 -24.83 -16.61 -40.25
N ASP A 87 -26.05 -16.37 -40.73
CA ASP A 87 -27.25 -16.91 -40.08
C ASP A 87 -27.46 -18.38 -40.47
N ILE A 88 -27.07 -19.27 -39.56
CA ILE A 88 -27.19 -20.73 -39.76
C ILE A 88 -28.32 -21.35 -38.95
N ARG A 89 -29.24 -20.51 -38.47
CA ARG A 89 -30.31 -20.95 -37.59
C ARG A 89 -31.49 -21.41 -38.44
N GLU A 90 -31.70 -22.72 -38.51
CA GLU A 90 -32.75 -23.28 -39.37
C GLU A 90 -34.13 -22.70 -39.03
N GLY A 91 -34.81 -22.18 -40.04
CA GLY A 91 -36.11 -21.58 -39.84
C GLY A 91 -36.07 -20.07 -39.70
N SER A 92 -34.87 -19.51 -39.57
CA SER A 92 -34.71 -18.06 -39.44
C SER A 92 -35.23 -17.34 -40.70
N PRO A 93 -35.99 -16.24 -40.51
CA PRO A 93 -36.37 -15.41 -41.68
C PRO A 93 -35.16 -14.98 -42.52
N THR A 94 -33.96 -14.97 -41.95
CA THR A 94 -32.74 -14.58 -42.67
C THR A 94 -31.72 -15.73 -42.80
N PHE A 95 -32.22 -16.96 -42.76
CA PHE A 95 -31.37 -18.16 -42.88
C PHE A 95 -30.52 -18.08 -44.13
N GLY A 96 -29.24 -18.44 -43.99
CA GLY A 96 -28.32 -18.48 -45.12
C GLY A 96 -27.73 -17.14 -45.54
N ARG A 97 -28.14 -16.07 -44.87
CA ARG A 97 -27.59 -14.74 -45.15
C ARG A 97 -26.43 -14.37 -44.23
N TRP A 98 -25.63 -13.40 -44.67
CA TRP A 98 -24.45 -12.99 -43.92
C TRP A 98 -24.28 -11.47 -43.90
N ASP A 99 -23.51 -10.99 -42.94
CA ASP A 99 -23.13 -9.58 -42.87
C ASP A 99 -21.67 -9.48 -42.42
N SER A 100 -21.10 -8.28 -42.52
CA SER A 100 -19.67 -8.12 -42.24
C SER A 100 -19.40 -6.82 -41.54
N VAL A 101 -18.26 -6.76 -40.85
CA VAL A 101 -17.75 -5.52 -40.27
C VAL A 101 -16.23 -5.51 -40.44
N LEU A 102 -15.65 -4.32 -40.49
CA LEU A 102 -14.21 -4.18 -40.51
C LEU A 102 -13.75 -3.94 -39.08
N LEU A 103 -12.98 -4.87 -38.54
CA LEU A 103 -12.43 -4.75 -37.20
C LEU A 103 -10.99 -4.37 -37.37
N ASP A 104 -10.58 -3.26 -36.75
CA ASP A 104 -9.21 -2.82 -36.91
C ASP A 104 -8.68 -2.02 -35.73
N ASP A 105 -7.38 -1.71 -35.77
CA ASP A 105 -6.73 -0.96 -34.70
C ASP A 105 -6.81 0.57 -34.85
N GLN A 106 -7.66 1.02 -35.78
CA GLN A 106 -7.88 2.43 -36.07
C GLN A 106 -9.20 2.89 -35.43
N ASP A 107 -10.31 2.32 -35.90
CA ASP A 107 -11.61 2.62 -35.34
C ASP A 107 -11.97 1.72 -34.15
N ARG A 108 -11.27 0.60 -34.05
CA ARG A 108 -11.34 -0.26 -32.84
C ARG A 108 -12.77 -0.73 -32.51
N ARG A 109 -13.53 -1.00 -33.56
CA ARG A 109 -14.88 -1.53 -33.42
C ARG A 109 -14.89 -2.99 -32.92
N THR A 110 -16.09 -3.47 -32.59
CA THR A 110 -16.30 -4.80 -32.05
C THR A 110 -17.51 -5.43 -32.72
N ILE A 111 -17.51 -6.74 -32.90
CA ILE A 111 -18.74 -7.46 -33.23
C ILE A 111 -19.15 -8.39 -32.09
N TYR A 112 -20.41 -8.33 -31.69
CA TYR A 112 -20.95 -9.34 -30.79
C TYR A 112 -21.75 -10.33 -31.62
N VAL A 113 -21.40 -11.60 -31.46
CA VAL A 113 -22.05 -12.70 -32.17
C VAL A 113 -22.82 -13.52 -31.16
N SER A 114 -24.16 -13.46 -31.21
CA SER A 114 -24.94 -14.22 -30.23
C SER A 114 -24.90 -15.75 -30.47
N GLU A 115 -25.47 -16.49 -29.52
CA GLU A 115 -25.51 -17.96 -29.53
C GLU A 115 -26.12 -18.52 -30.82
N GLY A 116 -25.48 -19.53 -31.41
CA GLY A 116 -26.04 -20.24 -32.57
C GLY A 116 -25.77 -19.63 -33.94
N LEU A 117 -24.93 -18.61 -34.01
CA LEU A 117 -24.51 -18.04 -35.30
C LEU A 117 -23.15 -18.63 -35.73
N ALA A 118 -22.81 -18.52 -37.01
CA ALA A 118 -21.46 -18.87 -37.47
C ALA A 118 -20.64 -17.61 -37.69
N HIS A 119 -19.32 -17.71 -37.49
CA HIS A 119 -18.45 -16.55 -37.48
C HIS A 119 -17.12 -16.89 -38.10
N GLY A 120 -16.54 -15.92 -38.79
CA GLY A 120 -15.21 -16.09 -39.38
C GLY A 120 -14.59 -14.75 -39.69
N PHE A 121 -13.27 -14.73 -39.91
CA PHE A 121 -12.62 -13.52 -40.40
C PHE A 121 -11.44 -13.80 -41.33
N LEU A 122 -11.12 -12.82 -42.16
CA LEU A 122 -9.97 -12.85 -43.04
C LEU A 122 -9.06 -11.70 -42.63
N ALA A 123 -7.82 -12.03 -42.27
CA ALA A 123 -6.84 -11.04 -41.84
C ALA A 123 -6.37 -10.25 -43.05
N LEU A 124 -6.36 -8.93 -42.94
CA LEU A 124 -6.00 -8.05 -44.08
C LEU A 124 -4.55 -7.55 -44.04
N GLN A 125 -3.93 -7.68 -42.88
CA GLN A 125 -2.54 -7.29 -42.67
C GLN A 125 -1.83 -8.34 -41.85
N ASP A 126 -0.50 -8.40 -41.96
CA ASP A 126 0.29 -9.27 -41.08
C ASP A 126 0.15 -8.84 -39.62
N ASN A 127 0.32 -9.81 -38.73
CA ASN A 127 0.27 -9.55 -37.29
C ASN A 127 -1.05 -8.93 -36.86
N SER A 128 -2.14 -9.49 -37.35
CA SER A 128 -3.44 -9.00 -36.98
C SER A 128 -3.88 -9.81 -35.78
N THR A 129 -4.07 -9.12 -34.65
CA THR A 129 -4.40 -9.77 -33.37
C THR A 129 -5.89 -9.59 -33.06
N VAL A 130 -6.58 -10.69 -32.79
CA VAL A 130 -8.00 -10.70 -32.47
C VAL A 130 -8.19 -11.26 -31.05
N MET A 131 -8.97 -10.56 -30.23
CA MET A 131 -9.33 -11.05 -28.90
C MET A 131 -10.82 -11.19 -28.83
N TYR A 132 -11.29 -12.24 -28.15
CA TYR A 132 -12.73 -12.37 -28.01
C TYR A 132 -13.15 -12.96 -26.68
N LEU A 133 -14.16 -12.32 -26.07
CA LEU A 133 -14.80 -12.85 -24.85
C LEU A 133 -15.78 -13.92 -25.28
N CYS A 134 -15.84 -15.01 -24.53
CA CYS A 134 -16.70 -16.17 -24.85
C CYS A 134 -17.67 -16.45 -23.71
N SER A 135 -18.93 -16.80 -24.07
CA SER A 135 -19.94 -17.18 -23.06
C SER A 135 -19.85 -18.64 -22.57
N ALA A 136 -18.95 -19.43 -23.16
CA ALA A 136 -18.74 -20.83 -22.78
C ALA A 136 -17.29 -21.19 -22.99
N GLU A 137 -16.77 -22.11 -22.16
CA GLU A 137 -15.40 -22.61 -22.33
C GLU A 137 -15.29 -23.49 -23.59
N TYR A 138 -14.09 -23.60 -24.14
CA TYR A 138 -13.77 -24.50 -25.25
C TYR A 138 -14.41 -25.87 -25.07
N ASN A 139 -15.12 -26.31 -26.11
CA ASN A 139 -15.72 -27.64 -26.16
C ASN A 139 -15.58 -28.13 -27.61
N PRO A 140 -14.44 -28.77 -27.91
CA PRO A 140 -14.15 -29.17 -29.29
C PRO A 140 -15.16 -30.17 -29.85
N GLN A 141 -15.81 -30.96 -28.99
CA GLN A 141 -16.87 -31.86 -29.46
C GLN A 141 -18.16 -31.14 -29.89
N ARG A 142 -18.39 -29.93 -29.36
CA ARG A 142 -19.62 -29.17 -29.65
C ARG A 142 -19.41 -27.96 -30.56
N GLU A 143 -18.16 -27.74 -30.94
CA GLU A 143 -17.77 -26.69 -31.86
C GLU A 143 -17.46 -27.28 -33.24
N HIS A 144 -17.97 -26.64 -34.29
CA HIS A 144 -17.93 -27.24 -35.62
C HIS A 144 -17.61 -26.20 -36.68
N THR A 145 -17.42 -26.68 -37.91
CA THR A 145 -16.96 -25.83 -38.98
C THR A 145 -17.86 -25.94 -40.22
N ILE A 146 -17.91 -24.84 -40.97
CA ILE A 146 -18.54 -24.82 -42.29
C ILE A 146 -17.55 -24.20 -43.27
N CYS A 147 -17.36 -24.85 -44.42
CA CYS A 147 -16.48 -24.33 -45.47
C CYS A 147 -16.73 -22.83 -45.73
N ALA A 148 -15.71 -22.02 -45.50
CA ALA A 148 -15.86 -20.57 -45.53
C ALA A 148 -16.16 -20.08 -46.92
N THR A 149 -15.76 -20.87 -47.92
CA THR A 149 -16.01 -20.52 -49.33
C THR A 149 -17.20 -21.30 -49.90
N ASP A 150 -18.10 -21.76 -49.03
CA ASP A 150 -19.29 -22.46 -49.48
C ASP A 150 -20.00 -21.65 -50.57
N PRO A 151 -20.34 -22.27 -51.71
CA PRO A 151 -20.94 -21.49 -52.81
C PRO A 151 -22.38 -21.03 -52.58
N THR A 152 -23.13 -21.71 -51.70
CA THR A 152 -24.49 -21.28 -51.38
C THR A 152 -24.48 -20.05 -50.47
N LEU A 153 -23.64 -20.09 -49.44
CA LEU A 153 -23.48 -18.94 -48.55
C LEU A 153 -22.89 -17.73 -49.27
N ALA A 154 -21.95 -17.98 -50.20
CA ALA A 154 -21.43 -16.98 -51.13
C ALA A 154 -20.90 -15.72 -50.44
N VAL A 155 -20.11 -15.94 -49.39
CA VAL A 155 -19.50 -14.85 -48.65
C VAL A 155 -18.45 -14.18 -49.53
N ASP A 156 -18.49 -12.86 -49.61
CA ASP A 156 -17.67 -12.11 -50.56
C ASP A 156 -16.36 -11.70 -49.89
N TRP A 157 -15.51 -12.69 -49.64
CA TRP A 157 -14.21 -12.44 -48.98
C TRP A 157 -13.32 -11.57 -49.89
N PRO A 158 -12.79 -10.45 -49.34
CA PRO A 158 -11.88 -9.56 -50.05
C PRO A 158 -10.51 -10.18 -50.00
N LEU A 159 -10.37 -11.26 -50.73
CA LEU A 159 -9.12 -12.00 -50.80
C LEU A 159 -7.89 -11.14 -51.13
N VAL A 160 -6.79 -11.42 -50.42
CA VAL A 160 -5.54 -10.69 -50.46
C VAL A 160 -4.54 -11.51 -51.28
N ASP A 161 -4.31 -11.20 -52.56
CA ASP A 161 -4.81 -10.04 -53.27
C ASP A 161 -5.73 -10.59 -54.35
N GLY A 162 -6.74 -11.32 -53.90
CA GLY A 162 -7.50 -12.21 -54.77
C GLY A 162 -6.89 -13.61 -54.71
N ALA A 163 -5.70 -13.71 -54.09
CA ALA A 163 -5.02 -15.00 -53.87
C ALA A 163 -5.85 -15.84 -52.92
N ALA A 164 -5.78 -17.16 -53.07
CA ALA A 164 -6.53 -18.04 -52.17
C ALA A 164 -6.16 -17.70 -50.72
N PRO A 165 -7.13 -17.79 -49.81
CA PRO A 165 -6.79 -17.54 -48.41
C PRO A 165 -6.00 -18.72 -47.86
N SER A 166 -5.27 -18.50 -46.78
CA SER A 166 -4.51 -19.52 -46.13
C SER A 166 -5.36 -20.05 -44.97
N LEU A 167 -5.65 -21.35 -44.97
CA LEU A 167 -6.55 -21.96 -43.96
C LEU A 167 -5.82 -23.03 -43.17
N SER A 168 -6.30 -23.30 -41.97
CA SER A 168 -5.84 -24.47 -41.20
C SER A 168 -6.29 -25.74 -41.92
N ASP A 169 -5.64 -26.86 -41.58
CA ASP A 169 -6.08 -28.14 -42.13
C ASP A 169 -7.55 -28.35 -41.77
N ARG A 170 -7.92 -27.98 -40.55
CA ARG A 170 -9.30 -28.12 -40.06
C ARG A 170 -10.27 -27.37 -40.97
N ASP A 171 -10.01 -26.08 -41.20
CA ASP A 171 -10.89 -25.25 -42.02
C ASP A 171 -10.88 -25.59 -43.51
N ALA A 172 -9.73 -26.05 -44.02
CA ALA A 172 -9.61 -26.52 -45.40
C ALA A 172 -10.43 -27.80 -45.63
N ALA A 173 -10.60 -28.60 -44.57
CA ALA A 173 -11.38 -29.84 -44.62
C ALA A 173 -12.84 -29.65 -44.18
N ALA A 174 -13.23 -28.42 -43.89
CA ALA A 174 -14.58 -28.10 -43.42
C ALA A 174 -15.65 -28.56 -44.41
N PRO A 175 -16.71 -29.22 -43.92
CA PRO A 175 -17.74 -29.73 -44.82
C PRO A 175 -18.56 -28.59 -45.45
N SER A 176 -19.26 -28.88 -46.53
CA SER A 176 -20.13 -27.90 -47.16
C SER A 176 -21.29 -27.51 -46.25
N PHE A 177 -21.87 -26.34 -46.49
CA PHE A 177 -23.08 -25.92 -45.78
C PHE A 177 -24.15 -27.00 -45.91
N GLU A 178 -24.31 -27.54 -47.12
CA GLU A 178 -25.27 -28.62 -47.39
C GLU A 178 -25.07 -29.81 -46.42
N ASP A 179 -23.82 -30.26 -46.32
CA ASP A 179 -23.49 -31.38 -45.44
C ASP A 179 -23.74 -31.08 -43.97
N VAL A 180 -23.45 -29.85 -43.53
CA VAL A 180 -23.70 -29.47 -42.14
C VAL A 180 -25.21 -29.46 -41.83
N ARG A 181 -26.01 -29.00 -42.79
CA ARG A 181 -27.48 -29.08 -42.67
C ARG A 181 -28.00 -30.51 -42.53
N ALA A 182 -27.34 -31.45 -43.21
CA ALA A 182 -27.77 -32.84 -43.15
C ALA A 182 -27.40 -33.51 -41.82
N SER A 183 -26.45 -32.91 -41.10
CA SER A 183 -25.88 -33.49 -39.89
C SER A 183 -26.77 -33.34 -38.66
N GLY A 184 -27.72 -32.40 -38.70
CA GLY A 184 -28.58 -32.11 -37.55
C GLY A 184 -27.93 -31.24 -36.48
N LEU A 185 -26.70 -30.78 -36.75
CA LEU A 185 -25.96 -29.97 -35.77
C LEU A 185 -26.37 -28.49 -35.74
N LEU A 186 -27.04 -28.03 -36.79
CA LEU A 186 -27.41 -26.61 -36.80
C LEU A 186 -28.48 -26.33 -35.78
N PRO A 187 -28.40 -25.16 -35.14
CA PRO A 187 -29.45 -24.76 -34.21
C PRO A 187 -30.72 -24.34 -34.98
N ARG A 188 -31.86 -24.42 -34.31
CA ARG A 188 -33.12 -23.92 -34.84
C ARG A 188 -33.40 -22.50 -34.38
N TRP A 189 -33.93 -21.67 -35.27
CA TRP A 189 -34.33 -20.30 -34.97
C TRP A 189 -35.21 -20.20 -33.71
N GLU A 190 -36.22 -21.07 -33.62
CA GLU A 190 -37.12 -21.10 -32.46
C GLU A 190 -36.37 -21.40 -31.16
N GLN A 191 -35.45 -22.34 -31.24
CA GLN A 191 -34.65 -22.81 -30.11
C GLN A 191 -33.73 -21.67 -29.64
N THR A 192 -33.11 -20.98 -30.60
CA THR A 192 -32.15 -19.91 -30.27
C THR A 192 -32.84 -18.70 -29.65
N GLN A 193 -33.99 -18.31 -30.21
CA GLN A 193 -34.79 -17.21 -29.66
C GLN A 193 -35.26 -17.54 -28.23
N ARG A 194 -35.73 -18.77 -28.03
CA ARG A 194 -36.18 -19.21 -26.71
C ARG A 194 -35.03 -19.19 -25.71
N PHE A 195 -33.87 -19.69 -26.13
CA PHE A 195 -32.70 -19.80 -25.27
C PHE A 195 -32.28 -18.41 -24.78
N ILE A 196 -32.07 -17.50 -25.72
CA ILE A 196 -31.71 -16.12 -25.38
C ILE A 196 -32.86 -15.43 -24.61
N GLY A 197 -34.10 -15.76 -24.98
CA GLY A 197 -35.27 -15.27 -24.25
C GLY A 197 -35.22 -15.57 -22.76
N GLU A 198 -34.86 -16.80 -22.40
CA GLU A 198 -34.74 -17.22 -21.00
C GLU A 198 -33.74 -16.34 -20.27
N MET B 1 -1.42 -23.54 -19.39
CA MET B 1 -1.39 -22.29 -18.61
C MET B 1 -0.75 -22.62 -17.25
N LYS B 2 0.20 -21.81 -16.82
CA LYS B 2 0.81 -22.07 -15.51
C LYS B 2 0.81 -20.76 -14.73
N ALA B 3 0.41 -20.85 -13.47
CA ALA B 3 0.37 -19.69 -12.57
C ALA B 3 1.45 -19.79 -11.49
N ARG B 4 2.21 -18.70 -11.35
CA ARG B 4 3.26 -18.59 -10.34
C ARG B 4 2.93 -17.39 -9.43
N GLU B 5 2.70 -17.64 -8.15
CA GLU B 5 2.40 -16.53 -7.23
C GLU B 5 3.64 -15.68 -7.05
N LEU B 6 3.45 -14.37 -7.10
CA LEU B 6 4.54 -13.41 -6.92
C LEU B 6 4.97 -13.27 -5.45
N ASP B 7 6.04 -12.52 -5.22
CA ASP B 7 6.53 -12.27 -3.86
C ASP B 7 5.56 -11.42 -3.06
N VAL B 8 4.60 -10.83 -3.77
CA VAL B 8 3.46 -10.19 -3.13
C VAL B 8 2.32 -11.20 -3.25
N PRO B 9 1.90 -11.80 -2.13
CA PRO B 9 0.80 -12.77 -2.17
C PRO B 9 -0.49 -12.16 -2.73
N GLY B 10 -1.22 -12.93 -3.52
CA GLY B 10 -2.48 -12.45 -4.08
C GLY B 10 -2.25 -11.80 -5.43
N ALA B 11 -1.02 -11.92 -5.94
CA ALA B 11 -0.70 -11.53 -7.33
C ALA B 11 0.04 -12.68 -7.98
N TRP B 12 -0.30 -12.98 -9.23
CA TRP B 12 0.22 -14.15 -9.90
C TRP B 12 0.70 -13.79 -11.31
N GLU B 13 1.82 -14.38 -11.71
CA GLU B 13 2.24 -14.36 -13.11
C GLU B 13 1.69 -15.62 -13.78
N ILE B 14 0.93 -15.43 -14.86
CA ILE B 14 0.36 -16.55 -15.62
C ILE B 14 1.07 -16.65 -16.98
N THR B 15 1.52 -17.85 -17.32
CA THR B 15 2.23 -18.11 -18.57
C THR B 15 1.28 -18.94 -19.44
N PRO B 16 1.06 -18.50 -20.69
CA PRO B 16 0.09 -19.20 -21.54
C PRO B 16 0.64 -20.46 -22.19
N THR B 17 -0.25 -21.33 -22.66
CA THR B 17 0.13 -22.38 -23.59
C THR B 17 -0.13 -21.77 -24.96
N ILE B 18 0.91 -21.54 -25.73
CA ILE B 18 0.75 -20.87 -27.04
C ILE B 18 0.77 -21.95 -28.13
N HIS B 19 -0.28 -21.95 -28.95
CA HIS B 19 -0.40 -22.91 -30.03
C HIS B 19 0.02 -22.25 -31.32
N VAL B 20 1.20 -22.61 -31.79
CA VAL B 20 1.75 -22.04 -33.03
C VAL B 20 1.42 -22.95 -34.21
N ASP B 21 0.98 -22.35 -35.32
CA ASP B 21 0.75 -23.06 -36.57
C ASP B 21 1.07 -22.20 -37.80
N SER B 22 0.74 -22.72 -38.98
CA SER B 22 1.04 -22.02 -40.24
C SER B 22 0.46 -20.61 -40.30
N ARG B 23 -0.64 -20.38 -39.58
CA ARG B 23 -1.38 -19.14 -39.66
C ARG B 23 -0.82 -18.02 -38.78
N GLY B 24 -0.09 -18.40 -37.73
CA GLY B 24 0.29 -17.43 -36.70
C GLY B 24 0.23 -18.19 -35.40
N LEU B 25 -0.61 -17.71 -34.47
CA LEU B 25 -0.78 -18.42 -33.18
C LEU B 25 -2.15 -18.20 -32.54
N PHE B 26 -2.45 -19.03 -31.55
CA PHE B 26 -3.69 -18.99 -30.78
C PHE B 26 -3.33 -19.32 -29.34
N PHE B 27 -3.95 -18.62 -28.39
CA PHE B 27 -3.92 -19.03 -26.99
C PHE B 27 -5.21 -18.69 -26.25
N GLU B 28 -5.52 -19.52 -25.27
CA GLU B 28 -6.61 -19.28 -24.37
C GLU B 28 -6.04 -18.36 -23.30
N TRP B 29 -6.44 -17.10 -23.35
CA TRP B 29 -5.94 -16.09 -22.40
C TRP B 29 -6.46 -16.33 -20.97
N LEU B 30 -7.79 -16.39 -20.82
CA LEU B 30 -8.41 -16.81 -19.56
C LEU B 30 -9.33 -18.01 -19.82
N THR B 31 -9.29 -19.00 -18.94
CA THR B 31 -10.39 -19.99 -18.93
C THR B 31 -10.95 -20.00 -17.52
N ASP B 32 -12.23 -20.32 -17.38
CA ASP B 32 -12.80 -20.40 -16.05
C ASP B 32 -12.08 -21.48 -15.24
N HIS B 33 -11.87 -22.65 -15.85
CA HIS B 33 -11.23 -23.75 -15.10
C HIS B 33 -9.80 -23.38 -14.68
N GLY B 34 -9.07 -22.71 -15.56
CA GLY B 34 -7.68 -22.29 -15.28
C GLY B 34 -7.60 -21.21 -14.21
N PHE B 35 -8.52 -20.24 -14.28
CA PHE B 35 -8.57 -19.17 -13.30
C PHE B 35 -8.91 -19.73 -11.91
N ARG B 36 -9.99 -20.50 -11.80
CA ARG B 36 -10.35 -21.15 -10.53
C ARG B 36 -9.19 -21.95 -9.92
N ALA B 37 -8.44 -22.66 -10.76
CA ALA B 37 -7.33 -23.51 -10.29
C ALA B 37 -6.32 -22.75 -9.42
N PHE B 38 -5.98 -21.51 -9.79
CA PHE B 38 -5.08 -20.72 -8.95
C PHE B 38 -5.76 -19.74 -7.99
N ALA B 39 -6.87 -19.14 -8.42
CA ALA B 39 -7.52 -18.08 -7.66
C ALA B 39 -8.54 -18.60 -6.64
N GLY B 40 -9.02 -19.81 -6.85
CA GLY B 40 -9.98 -20.45 -5.92
C GLY B 40 -11.44 -20.05 -6.05
N HIS B 41 -11.75 -19.20 -7.03
CA HIS B 41 -13.11 -18.74 -7.33
C HIS B 41 -13.11 -18.30 -8.79
N SER B 42 -14.30 -18.07 -9.37
CA SER B 42 -14.40 -17.63 -10.77
C SER B 42 -14.20 -16.11 -10.85
N LEU B 43 -13.66 -15.63 -11.96
CA LEU B 43 -13.54 -14.18 -12.19
C LEU B 43 -14.86 -13.66 -12.75
N ASP B 44 -15.45 -12.72 -12.02
CA ASP B 44 -16.71 -12.08 -12.44
C ASP B 44 -16.36 -10.85 -13.28
N VAL B 45 -16.26 -11.08 -14.58
CA VAL B 45 -15.85 -10.02 -15.51
C VAL B 45 -16.98 -9.01 -15.68
N ARG B 46 -16.81 -7.81 -15.11
CA ARG B 46 -17.83 -6.79 -15.19
C ARG B 46 -17.45 -5.63 -16.11
N GLN B 47 -16.17 -5.53 -16.45
CA GLN B 47 -15.68 -4.53 -17.39
C GLN B 47 -14.37 -5.01 -17.98
N VAL B 48 -14.05 -4.56 -19.19
CA VAL B 48 -12.77 -4.85 -19.80
C VAL B 48 -12.22 -3.56 -20.40
N ASN B 49 -11.01 -3.17 -19.99
CA ASN B 49 -10.40 -1.94 -20.45
C ASN B 49 -9.20 -2.17 -21.36
N CYS B 50 -8.97 -1.21 -22.25
CA CYS B 50 -7.84 -1.23 -23.16
C CYS B 50 -7.12 0.13 -23.18
N SER B 51 -5.80 0.11 -23.04
CA SER B 51 -5.02 1.33 -23.23
C SER B 51 -3.86 1.07 -24.18
N VAL B 52 -3.43 2.11 -24.90
CA VAL B 52 -2.30 2.04 -25.81
C VAL B 52 -1.39 3.19 -25.37
N SER B 53 -0.10 2.92 -25.23
CA SER B 53 0.82 3.92 -24.66
C SER B 53 2.09 4.02 -25.48
N SER B 54 2.68 5.21 -25.49
CA SER B 54 4.00 5.40 -26.13
C SER B 54 5.11 5.04 -25.14
N ALA B 55 6.33 4.83 -25.63
CA ALA B 55 7.44 4.41 -24.77
C ALA B 55 7.66 5.47 -23.68
N GLY B 56 7.85 5.01 -22.44
CA GLY B 56 8.14 5.89 -21.29
C GLY B 56 6.91 6.44 -20.58
N VAL B 57 5.73 6.09 -21.09
CA VAL B 57 4.49 6.42 -20.41
C VAL B 57 4.34 5.49 -19.20
N LEU B 58 4.08 6.08 -18.04
CA LEU B 58 3.78 5.29 -16.84
C LEU B 58 2.34 5.54 -16.39
N ARG B 59 1.56 4.46 -16.30
CA ARG B 59 0.20 4.53 -15.77
C ARG B 59 0.16 3.85 -14.41
N GLY B 60 -0.19 4.62 -13.38
CA GLY B 60 -0.21 4.12 -11.99
C GLY B 60 0.27 5.15 -10.98
N LEU B 61 0.37 4.78 -9.69
CA LEU B 61 -0.07 3.50 -9.16
C LEU B 61 -1.55 3.59 -8.79
N HIS B 62 -2.33 2.58 -9.18
CA HIS B 62 -3.78 2.65 -8.98
C HIS B 62 -4.34 1.51 -8.13
N PHE B 63 -5.35 1.85 -7.34
CA PHE B 63 -6.07 0.87 -6.52
C PHE B 63 -7.54 1.26 -6.35
N ALA B 64 -8.34 0.29 -5.92
CA ALA B 64 -9.75 0.51 -5.67
C ALA B 64 -10.09 0.10 -4.23
N GLN B 65 -10.74 1.03 -3.52
CA GLN B 65 -11.19 0.83 -2.13
C GLN B 65 -11.96 -0.46 -1.99
N LEU B 66 -11.64 -1.21 -0.94
CA LEU B 66 -12.34 -2.43 -0.61
C LEU B 66 -13.46 -2.14 0.41
N PRO B 67 -14.66 -2.73 0.20
CA PRO B 67 -15.13 -3.60 -0.88
C PRO B 67 -15.86 -2.83 -1.97
N PRO B 68 -16.02 -3.43 -3.18
CA PRO B 68 -15.47 -4.72 -3.61
C PRO B 68 -14.08 -4.60 -4.25
N SER B 69 -13.49 -3.40 -4.22
CA SER B 69 -12.26 -3.11 -4.92
C SER B 69 -12.42 -3.52 -6.40
N GLN B 70 -11.33 -3.88 -7.07
CA GLN B 70 -11.41 -4.27 -8.49
C GLN B 70 -10.20 -5.12 -8.80
N ALA B 71 -10.41 -6.43 -8.96
CA ALA B 71 -9.35 -7.33 -9.39
C ALA B 71 -9.13 -7.10 -10.87
N LYS B 72 -7.89 -7.34 -11.31
CA LYS B 72 -7.49 -7.07 -12.71
C LYS B 72 -6.63 -8.21 -13.26
N TYR B 73 -7.00 -8.69 -14.45
CA TYR B 73 -6.31 -9.76 -15.16
C TYR B 73 -5.74 -9.10 -16.42
N VAL B 74 -4.42 -8.87 -16.39
CA VAL B 74 -3.76 -7.88 -17.24
C VAL B 74 -2.76 -8.51 -18.21
N THR B 75 -2.79 -8.09 -19.47
CA THR B 75 -1.84 -8.60 -20.44
C THR B 75 -1.49 -7.53 -21.48
N CYS B 76 -0.34 -7.70 -22.10
CA CYS B 76 0.11 -6.81 -23.16
C CYS B 76 0.01 -7.58 -24.49
N VAL B 77 -0.77 -7.03 -25.43
CA VAL B 77 -1.02 -7.66 -26.73
C VAL B 77 -0.20 -7.04 -27.89
N SER B 78 0.57 -5.98 -27.59
CA SER B 78 1.53 -5.43 -28.55
C SER B 78 2.52 -4.60 -27.79
N GLY B 79 3.78 -4.64 -28.24
CA GLY B 79 4.88 -3.98 -27.54
C GLY B 79 5.20 -4.69 -26.24
N SER B 80 5.50 -3.92 -25.20
CA SER B 80 5.92 -4.47 -23.91
C SER B 80 5.80 -3.44 -22.82
N VAL B 81 5.43 -3.90 -21.64
CA VAL B 81 5.35 -3.03 -20.46
C VAL B 81 5.96 -3.74 -19.26
N PHE B 82 6.56 -2.94 -18.38
CA PHE B 82 7.06 -3.40 -17.09
C PHE B 82 5.94 -3.16 -16.09
N ASP B 83 5.33 -4.24 -15.61
CA ASP B 83 4.12 -4.16 -14.82
C ASP B 83 4.48 -4.39 -13.37
N VAL B 84 3.97 -3.55 -12.48
CA VAL B 84 4.31 -3.59 -11.07
C VAL B 84 3.05 -3.76 -10.20
N VAL B 85 3.15 -4.63 -9.19
CA VAL B 85 2.13 -4.72 -8.15
C VAL B 85 2.77 -4.31 -6.81
N VAL B 86 2.04 -3.53 -6.00
CA VAL B 86 2.54 -3.11 -4.68
C VAL B 86 1.58 -3.56 -3.60
N ASP B 87 2.13 -4.13 -2.53
CA ASP B 87 1.34 -4.54 -1.38
C ASP B 87 1.03 -3.33 -0.49
N ILE B 88 -0.15 -2.75 -0.70
CA ILE B 88 -0.63 -1.60 0.06
C ILE B 88 -1.61 -1.97 1.19
N ARG B 89 -1.62 -3.25 1.55
CA ARG B 89 -2.57 -3.78 2.53
C ARG B 89 -1.97 -3.65 3.92
N GLU B 90 -2.45 -2.68 4.69
CA GLU B 90 -1.95 -2.47 6.05
C GLU B 90 -2.11 -3.75 6.87
N GLY B 91 -1.03 -4.16 7.52
CA GLY B 91 -1.04 -5.38 8.32
C GLY B 91 -0.56 -6.61 7.57
N SER B 92 -0.30 -6.48 6.28
CA SER B 92 0.21 -7.59 5.47
C SER B 92 1.62 -8.00 5.91
N PRO B 93 1.89 -9.31 5.92
CA PRO B 93 3.26 -9.77 6.19
C PRO B 93 4.29 -9.25 5.18
N THR B 94 3.82 -8.74 4.04
CA THR B 94 4.69 -8.12 3.02
C THR B 94 4.31 -6.67 2.67
N PHE B 95 3.75 -5.94 3.64
CA PHE B 95 3.35 -4.56 3.45
C PHE B 95 4.48 -3.68 2.90
N GLY B 96 4.17 -2.83 1.93
CA GLY B 96 5.14 -1.88 1.39
C GLY B 96 6.08 -2.43 0.33
N ARG B 97 5.95 -3.71 0.03
CA ARG B 97 6.83 -4.37 -0.93
C ARG B 97 6.16 -4.52 -2.28
N TRP B 98 6.99 -4.70 -3.31
CA TRP B 98 6.49 -4.81 -4.67
C TRP B 98 7.11 -5.97 -5.44
N ASP B 99 6.47 -6.36 -6.54
CA ASP B 99 7.04 -7.32 -7.48
C ASP B 99 6.63 -6.90 -8.88
N SER B 100 7.22 -7.51 -9.88
CA SER B 100 6.98 -7.14 -11.27
C SER B 100 6.91 -8.33 -12.22
N VAL B 101 6.27 -8.08 -13.36
CA VAL B 101 6.13 -9.06 -14.43
C VAL B 101 6.39 -8.31 -15.73
N LEU B 102 7.14 -8.90 -16.64
CA LEU B 102 7.34 -8.32 -17.98
C LEU B 102 6.24 -8.80 -18.91
N LEU B 103 5.33 -7.89 -19.25
CA LEU B 103 4.20 -8.19 -20.14
C LEU B 103 4.55 -7.76 -21.55
N ASP B 104 4.55 -8.70 -22.49
CA ASP B 104 4.88 -8.35 -23.86
C ASP B 104 4.22 -9.28 -24.84
N ASP B 105 4.33 -8.92 -26.13
CA ASP B 105 3.77 -9.73 -27.22
C ASP B 105 4.71 -10.84 -27.70
N GLN B 106 5.74 -11.14 -26.89
CA GLN B 106 6.65 -12.25 -27.17
C GLN B 106 6.30 -13.48 -26.34
N ASP B 107 6.47 -13.39 -25.03
CA ASP B 107 6.07 -14.48 -24.12
C ASP B 107 4.60 -14.44 -23.68
N ARG B 108 4.00 -13.27 -23.86
CA ARG B 108 2.53 -13.09 -23.73
C ARG B 108 2.02 -13.52 -22.35
N ARG B 109 2.75 -13.09 -21.32
CA ARG B 109 2.39 -13.38 -19.93
C ARG B 109 1.25 -12.47 -19.49
N THR B 110 0.69 -12.82 -18.34
CA THR B 110 -0.40 -12.13 -17.73
C THR B 110 -0.05 -11.94 -16.25
N ILE B 111 -0.44 -10.81 -15.69
CA ILE B 111 -0.47 -10.69 -14.22
C ILE B 111 -1.91 -10.63 -13.74
N TYR B 112 -2.23 -11.40 -12.71
CA TYR B 112 -3.50 -11.23 -12.00
C TYR B 112 -3.24 -10.50 -10.69
N VAL B 113 -3.94 -9.39 -10.54
CA VAL B 113 -3.85 -8.53 -9.36
C VAL B 113 -5.16 -8.60 -8.59
N SER B 114 -5.14 -9.29 -7.46
CA SER B 114 -6.36 -9.38 -6.67
C SER B 114 -6.80 -8.06 -6.03
N GLU B 115 -7.97 -8.11 -5.41
CA GLU B 115 -8.58 -6.97 -4.76
C GLU B 115 -7.68 -6.39 -3.66
N GLY B 116 -7.60 -5.07 -3.63
CA GLY B 116 -6.90 -4.37 -2.54
C GLY B 116 -5.41 -4.18 -2.75
N LEU B 117 -4.93 -4.40 -3.98
CA LEU B 117 -3.51 -4.22 -4.27
C LEU B 117 -3.37 -2.98 -5.14
N ALA B 118 -2.17 -2.42 -5.24
CA ALA B 118 -1.94 -1.31 -6.18
C ALA B 118 -1.23 -1.83 -7.43
N HIS B 119 -1.40 -1.14 -8.55
CA HIS B 119 -0.94 -1.65 -9.82
C HIS B 119 -0.53 -0.49 -10.73
N GLY B 120 0.52 -0.71 -11.52
CA GLY B 120 0.90 0.27 -12.53
C GLY B 120 1.78 -0.40 -13.54
N PHE B 121 2.01 0.27 -14.66
CA PHE B 121 2.98 -0.20 -15.62
C PHE B 121 3.71 0.94 -16.32
N LEU B 122 4.91 0.63 -16.80
CA LEU B 122 5.71 1.53 -17.59
C LEU B 122 5.84 0.92 -18.99
N ALA B 123 5.37 1.65 -19.99
CA ALA B 123 5.48 1.20 -21.39
C ALA B 123 6.94 1.27 -21.84
N LEU B 124 7.43 0.18 -22.43
CA LEU B 124 8.84 0.08 -22.87
C LEU B 124 9.05 0.25 -24.37
N GLN B 125 7.95 0.23 -25.11
CA GLN B 125 7.95 0.49 -26.55
C GLN B 125 6.76 1.38 -26.93
N ASP B 126 6.85 2.03 -28.09
CA ASP B 126 5.70 2.72 -28.64
C ASP B 126 4.64 1.71 -29.02
N ASN B 127 3.39 2.18 -29.11
CA ASN B 127 2.24 1.35 -29.50
C ASN B 127 2.12 0.12 -28.60
N SER B 128 2.32 0.31 -27.31
CA SER B 128 2.18 -0.83 -26.39
C SER B 128 0.73 -0.90 -25.90
N THR B 129 0.07 -2.03 -26.15
CA THR B 129 -1.37 -2.16 -25.91
C THR B 129 -1.58 -3.11 -24.75
N VAL B 130 -2.29 -2.63 -23.73
CA VAL B 130 -2.57 -3.41 -22.55
C VAL B 130 -4.09 -3.61 -22.47
N MET B 131 -4.51 -4.84 -22.22
CA MET B 131 -5.91 -5.15 -22.03
C MET B 131 -6.06 -5.76 -20.65
N TYR B 132 -7.11 -5.37 -19.93
CA TYR B 132 -7.36 -6.05 -18.66
C TYR B 132 -8.82 -6.25 -18.30
N LEU B 133 -9.13 -7.47 -17.85
CA LEU B 133 -10.45 -7.83 -17.35
C LEU B 133 -10.55 -7.31 -15.92
N CYS B 134 -11.72 -6.78 -15.58
CA CYS B 134 -11.99 -6.15 -14.27
C CYS B 134 -13.16 -6.83 -13.56
N SER B 135 -13.01 -7.01 -12.25
CA SER B 135 -14.07 -7.61 -11.42
C SER B 135 -15.18 -6.62 -11.02
N ALA B 136 -14.98 -5.34 -11.34
CA ALA B 136 -15.94 -4.29 -11.01
C ALA B 136 -15.93 -3.22 -12.10
N GLU B 137 -17.07 -2.59 -12.34
CA GLU B 137 -17.14 -1.49 -13.33
C GLU B 137 -16.47 -0.25 -12.75
N TYR B 138 -16.07 0.65 -13.65
CA TYR B 138 -15.44 1.94 -13.28
C TYR B 138 -16.19 2.62 -12.13
N ASN B 139 -15.44 3.01 -11.08
CA ASN B 139 -16.03 3.69 -9.94
C ASN B 139 -15.06 4.83 -9.56
N PRO B 140 -15.29 6.02 -10.14
CA PRO B 140 -14.35 7.14 -9.97
C PRO B 140 -14.22 7.56 -8.50
N GLN B 141 -15.27 7.37 -7.72
CA GLN B 141 -15.25 7.75 -6.31
C GLN B 141 -14.33 6.83 -5.52
N ARG B 142 -14.32 5.52 -5.85
CA ARG B 142 -13.61 4.50 -5.04
C ARG B 142 -12.27 4.05 -5.63
N GLU B 143 -11.93 4.59 -6.80
CA GLU B 143 -10.62 4.37 -7.42
C GLU B 143 -9.68 5.55 -7.11
N HIS B 144 -8.47 5.21 -6.66
CA HIS B 144 -7.52 6.15 -6.08
C HIS B 144 -6.11 5.92 -6.63
N THR B 145 -5.20 6.85 -6.32
CA THR B 145 -3.84 6.84 -6.85
C THR B 145 -2.78 7.01 -5.76
N ILE B 146 -1.58 6.50 -6.05
CA ILE B 146 -0.40 6.71 -5.24
C ILE B 146 0.71 7.10 -6.21
N CYS B 147 1.50 8.13 -5.87
CA CYS B 147 2.63 8.58 -6.70
C CYS B 147 3.52 7.40 -7.08
N ALA B 148 3.66 7.14 -8.39
CA ALA B 148 4.42 6.00 -8.90
C ALA B 148 5.91 6.01 -8.49
N THR B 149 6.46 7.22 -8.30
CA THR B 149 7.88 7.38 -7.97
C THR B 149 8.05 7.68 -6.47
N ASP B 150 7.06 7.28 -5.68
CA ASP B 150 7.12 7.51 -4.23
C ASP B 150 8.44 6.96 -3.63
N PRO B 151 9.15 7.78 -2.82
CA PRO B 151 10.50 7.37 -2.33
C PRO B 151 10.56 6.19 -1.36
N THR B 152 9.47 5.98 -0.62
CA THR B 152 9.34 4.87 0.32
C THR B 152 9.11 3.54 -0.40
N LEU B 153 8.20 3.55 -1.37
CA LEU B 153 7.94 2.37 -2.21
C LEU B 153 9.15 2.10 -3.12
N ALA B 154 9.85 3.15 -3.53
CA ALA B 154 11.09 3.03 -4.28
C ALA B 154 11.05 1.98 -5.41
N VAL B 155 9.99 2.02 -6.22
CA VAL B 155 9.84 1.05 -7.30
C VAL B 155 10.91 1.30 -8.36
N ASP B 156 11.62 0.25 -8.75
CA ASP B 156 12.75 0.37 -9.67
C ASP B 156 12.28 0.39 -11.12
N TRP B 157 11.51 1.40 -11.50
CA TRP B 157 11.03 1.50 -12.89
C TRP B 157 12.25 1.57 -13.82
N PRO B 158 12.32 0.69 -14.84
CA PRO B 158 13.38 0.74 -15.85
C PRO B 158 13.13 1.87 -16.83
N LEU B 159 13.36 3.09 -16.38
CA LEU B 159 13.09 4.29 -17.16
C LEU B 159 13.65 4.21 -18.59
N VAL B 160 12.80 4.60 -19.54
CA VAL B 160 13.13 4.47 -20.94
C VAL B 160 14.14 5.56 -21.27
N ASP B 161 15.33 5.11 -21.63
CA ASP B 161 16.49 5.99 -21.90
C ASP B 161 16.94 6.71 -20.61
N GLY B 162 16.56 6.15 -19.45
CA GLY B 162 16.78 6.81 -18.16
C GLY B 162 15.95 8.06 -17.90
N ALA B 163 15.03 8.39 -18.81
CA ALA B 163 14.27 9.64 -18.75
C ALA B 163 13.06 9.56 -17.80
N ALA B 164 12.67 10.70 -17.24
CA ALA B 164 11.51 10.77 -16.35
C ALA B 164 10.27 10.23 -17.08
N PRO B 165 9.43 9.46 -16.36
CA PRO B 165 8.22 8.93 -16.98
C PRO B 165 7.24 10.01 -17.44
N SER B 166 6.49 9.71 -18.49
CA SER B 166 5.45 10.61 -18.95
C SER B 166 4.15 10.21 -18.24
N LEU B 167 3.61 11.13 -17.46
CA LEU B 167 2.40 10.88 -16.64
C LEU B 167 1.20 11.73 -17.07
N SER B 168 0.00 11.20 -16.83
CA SER B 168 -1.22 12.00 -16.97
C SER B 168 -1.24 13.04 -15.85
N ASP B 169 -2.08 14.06 -16.00
CA ASP B 169 -2.30 15.06 -14.94
C ASP B 169 -2.74 14.39 -13.63
N ARG B 170 -3.58 13.36 -13.74
CA ARG B 170 -4.06 12.64 -12.56
C ARG B 170 -2.91 11.90 -11.86
N ASP B 171 -2.07 11.21 -12.63
CA ASP B 171 -0.97 10.44 -12.05
C ASP B 171 0.16 11.35 -11.53
N ALA B 172 0.40 12.46 -12.23
CA ALA B 172 1.38 13.46 -11.76
C ALA B 172 0.95 14.16 -10.46
N ALA B 173 -0.36 14.27 -10.23
CA ALA B 173 -0.89 14.87 -9.00
C ALA B 173 -1.10 13.86 -7.86
N ALA B 174 -0.80 12.59 -8.11
CA ALA B 174 -1.01 11.52 -7.13
C ALA B 174 -0.28 11.77 -5.81
N PRO B 175 -0.97 11.57 -4.68
CA PRO B 175 -0.36 11.85 -3.38
C PRO B 175 0.75 10.83 -3.04
N SER B 176 1.65 11.19 -2.12
CA SER B 176 2.65 10.23 -1.63
C SER B 176 2.01 9.05 -0.90
N PHE B 177 2.75 7.95 -0.79
CA PHE B 177 2.30 6.79 -0.02
C PHE B 177 1.95 7.19 1.43
N GLU B 178 2.77 8.06 2.03
CA GLU B 178 2.53 8.58 3.40
C GLU B 178 1.12 9.16 3.51
N ASP B 179 0.78 10.07 2.59
CA ASP B 179 -0.52 10.73 2.61
C ASP B 179 -1.65 9.72 2.49
N VAL B 180 -1.46 8.73 1.60
CA VAL B 180 -2.47 7.69 1.43
C VAL B 180 -2.66 6.85 2.70
N ARG B 181 -1.55 6.49 3.36
CA ARG B 181 -1.62 5.79 4.63
C ARG B 181 -2.45 6.59 5.65
N ALA B 182 -2.21 7.90 5.72
CA ALA B 182 -2.94 8.74 6.70
C ALA B 182 -4.44 8.89 6.35
N SER B 183 -4.77 8.74 5.07
CA SER B 183 -6.13 8.98 4.56
C SER B 183 -7.20 7.98 5.04
N GLY B 184 -6.78 6.78 5.45
CA GLY B 184 -7.74 5.72 5.79
C GLY B 184 -8.27 4.91 4.60
N LEU B 185 -7.81 5.26 3.40
CA LEU B 185 -8.31 4.59 2.20
C LEU B 185 -7.67 3.22 1.93
N LEU B 186 -6.54 2.90 2.58
CA LEU B 186 -5.91 1.60 2.29
C LEU B 186 -6.69 0.45 2.90
N PRO B 187 -6.71 -0.70 2.20
CA PRO B 187 -7.37 -1.86 2.78
C PRO B 187 -6.47 -2.52 3.82
N ARG B 188 -7.08 -3.23 4.75
CA ARG B 188 -6.35 -4.05 5.69
C ARG B 188 -6.13 -5.44 5.11
N TRP B 189 -5.01 -6.03 5.48
CA TRP B 189 -4.67 -7.43 5.19
C TRP B 189 -5.80 -8.42 5.56
N GLU B 190 -6.21 -8.51 6.83
CA GLU B 190 -7.28 -9.49 7.11
C GLU B 190 -8.63 -9.16 6.48
N GLN B 191 -8.83 -7.89 6.13
CA GLN B 191 -9.99 -7.47 5.40
C GLN B 191 -9.95 -8.05 3.98
N THR B 192 -8.82 -7.90 3.27
CA THR B 192 -8.65 -8.56 1.97
C THR B 192 -8.78 -10.08 2.08
N GLN B 193 -8.19 -10.64 3.14
CA GLN B 193 -8.25 -12.08 3.45
C GLN B 193 -9.66 -12.63 3.56
N ARG B 194 -10.49 -12.01 4.39
CA ARG B 194 -11.86 -12.52 4.54
C ARG B 194 -12.71 -12.21 3.30
N PHE B 195 -12.45 -11.08 2.64
CA PHE B 195 -13.17 -10.74 1.42
C PHE B 195 -12.94 -11.80 0.35
N ILE B 196 -11.67 -12.15 0.10
CA ILE B 196 -11.32 -13.17 -0.89
C ILE B 196 -11.68 -14.57 -0.38
N GLY B 197 -11.57 -14.76 0.94
CA GLY B 197 -11.99 -16.01 1.57
C GLY B 197 -13.47 -16.32 1.34
N GLU B 198 -14.31 -15.29 1.43
CA GLU B 198 -15.75 -15.44 1.19
C GLU B 198 -16.07 -15.76 -0.27
N MET C 1 -0.61 11.22 10.07
CA MET C 1 -0.23 12.31 11.01
C MET C 1 -0.74 13.63 10.43
N LYS C 2 -1.43 14.45 11.24
CA LYS C 2 -1.85 15.79 10.80
C LYS C 2 -1.46 16.81 11.85
N ALA C 3 -0.90 17.93 11.41
CA ALA C 3 -0.54 19.04 12.31
C ALA C 3 -1.47 20.24 12.11
N ARG C 4 -2.03 20.71 13.23
CA ARG C 4 -2.90 21.88 13.25
C ARG C 4 -2.28 22.97 14.12
N GLU C 5 -2.04 24.13 13.53
CA GLU C 5 -1.42 25.24 14.28
C GLU C 5 -2.46 25.85 15.23
N LEU C 6 -2.04 26.04 16.47
CA LEU C 6 -2.93 26.58 17.50
C LEU C 6 -3.10 28.10 17.33
N ASP C 7 -3.98 28.67 18.15
CA ASP C 7 -4.23 30.11 18.15
C ASP C 7 -3.00 30.89 18.60
N VAL C 8 -2.05 30.19 19.23
CA VAL C 8 -0.72 30.70 19.50
C VAL C 8 0.19 30.21 18.38
N PRO C 9 0.59 31.11 17.47
CA PRO C 9 1.46 30.67 16.38
C PRO C 9 2.78 30.08 16.90
N GLY C 10 3.25 29.03 16.24
CA GLY C 10 4.49 28.38 16.68
C GLY C 10 4.20 27.25 17.66
N ALA C 11 2.93 26.98 17.90
CA ALA C 11 2.55 25.77 18.65
C ALA C 11 1.56 25.00 17.80
N TRP C 12 1.68 23.69 17.79
CA TRP C 12 0.84 22.85 16.91
C TRP C 12 0.27 21.65 17.70
N GLU C 13 -0.99 21.30 17.42
CA GLU C 13 -1.53 20.02 17.87
C GLU C 13 -1.36 18.99 16.73
N ILE C 14 -0.73 17.88 17.08
CA ILE C 14 -0.47 16.81 16.13
C ILE C 14 -1.36 15.61 16.44
N THR C 15 -2.06 15.13 15.41
CA THR C 15 -2.97 13.99 15.56
C THR C 15 -2.32 12.83 14.84
N PRO C 16 -2.17 11.71 15.54
CA PRO C 16 -1.46 10.56 14.99
C PRO C 16 -2.34 9.74 14.05
N THR C 17 -1.70 8.95 13.19
CA THR C 17 -2.37 7.84 12.49
C THR C 17 -2.16 6.63 13.39
N ILE C 18 -3.23 6.13 13.99
CA ILE C 18 -3.12 4.98 14.90
C ILE C 18 -3.48 3.70 14.17
N HIS C 19 -2.55 2.74 14.16
CA HIS C 19 -2.80 1.45 13.52
C HIS C 19 -3.22 0.44 14.56
N VAL C 20 -4.51 0.14 14.57
CA VAL C 20 -5.05 -0.82 15.53
C VAL C 20 -5.07 -2.24 14.91
N ASP C 21 -4.73 -3.24 15.73
CA ASP C 21 -4.83 -4.64 15.30
C ASP C 21 -5.14 -5.53 16.49
N SER C 22 -5.07 -6.85 16.28
CA SER C 22 -5.47 -7.82 17.30
C SER C 22 -4.62 -7.76 18.57
N ARG C 23 -3.39 -7.26 18.45
CA ARG C 23 -2.43 -7.24 19.56
C ARG C 23 -2.57 -5.98 20.43
N GLY C 24 -3.23 -4.95 19.90
CA GLY C 24 -3.29 -3.63 20.56
C GLY C 24 -3.19 -2.53 19.51
N LEU C 25 -2.15 -1.70 19.59
CA LEU C 25 -1.96 -0.66 18.59
C LEU C 25 -0.50 -0.27 18.40
N PHE C 26 -0.25 0.46 17.30
CA PHE C 26 1.06 1.01 16.97
C PHE C 26 0.82 2.37 16.35
N PHE C 27 1.62 3.38 16.72
CA PHE C 27 1.70 4.61 15.92
C PHE C 27 3.13 5.19 15.83
N GLU C 28 3.37 5.92 14.75
CA GLU C 28 4.61 6.67 14.61
C GLU C 28 4.38 8.00 15.32
N TRP C 29 5.00 8.18 16.48
CA TRP C 29 4.81 9.40 17.27
C TRP C 29 5.42 10.64 16.57
N LEU C 30 6.70 10.53 16.23
CA LEU C 30 7.37 11.50 15.40
C LEU C 30 8.05 10.80 14.21
N THR C 31 8.02 11.45 13.04
CA THR C 31 8.88 11.04 11.93
C THR C 31 9.61 12.29 11.42
N ASP C 32 10.83 12.10 10.90
CA ASP C 32 11.60 13.24 10.43
C ASP C 32 10.83 13.96 9.32
N HIS C 33 10.29 13.19 8.36
CA HIS C 33 9.59 13.81 7.22
C HIS C 33 8.30 14.53 7.68
N GLY C 34 7.61 13.95 8.66
CA GLY C 34 6.37 14.54 9.18
C GLY C 34 6.63 15.83 9.95
N PHE C 35 7.68 15.82 10.77
CA PHE C 35 8.03 16.99 11.54
C PHE C 35 8.50 18.14 10.62
N ARG C 36 9.39 17.83 9.68
CA ARG C 36 9.90 18.84 8.72
C ARG C 36 8.74 19.51 8.00
N ALA C 37 7.71 18.72 7.71
CA ALA C 37 6.57 19.16 6.89
C ALA C 37 5.86 20.33 7.52
N PHE C 38 5.78 20.36 8.86
CA PHE C 38 5.12 21.47 9.53
C PHE C 38 6.04 22.51 10.15
N ALA C 39 7.21 22.06 10.59
CA ALA C 39 8.07 22.93 11.38
C ALA C 39 9.12 23.63 10.52
N GLY C 40 9.44 23.05 9.37
CA GLY C 40 10.39 23.61 8.40
C GLY C 40 11.84 23.19 8.54
N HIS C 41 12.10 22.33 9.52
CA HIS C 41 13.44 21.91 9.84
C HIS C 41 13.30 20.61 10.63
N SER C 42 14.39 19.85 10.76
CA SER C 42 14.37 18.62 11.56
C SER C 42 14.47 18.95 13.03
N LEU C 43 13.83 18.13 13.86
CA LEU C 43 13.94 18.29 15.32
C LEU C 43 15.27 17.68 15.79
N ASP C 44 16.10 18.50 16.40
CA ASP C 44 17.40 18.06 16.89
C ASP C 44 17.16 17.55 18.31
N VAL C 45 16.86 16.25 18.44
CA VAL C 45 16.51 15.66 19.76
C VAL C 45 17.78 15.54 20.56
N ARG C 46 17.96 16.40 21.60
CA ARG C 46 19.17 16.40 22.41
C ARG C 46 18.90 15.83 23.80
N GLN C 47 17.64 15.78 24.18
CA GLN C 47 17.21 15.16 25.47
C GLN C 47 15.75 14.74 25.36
N VAL C 48 15.38 13.71 26.12
CA VAL C 48 13.97 13.29 26.22
C VAL C 48 13.65 13.06 27.69
N ASN C 49 12.58 13.72 28.16
CA ASN C 49 12.20 13.68 29.58
C ASN C 49 10.88 12.96 29.78
N CYS C 50 10.69 12.42 30.98
CA CYS C 50 9.46 11.74 31.31
C CYS C 50 9.03 12.15 32.71
N SER C 51 7.74 12.49 32.87
CA SER C 51 7.19 12.71 34.21
C SER C 51 5.91 11.96 34.40
N VAL C 52 5.65 11.57 35.65
CA VAL C 52 4.45 10.85 36.02
C VAL C 52 3.84 11.69 37.16
N SER C 53 2.56 12.01 37.03
CA SER C 53 1.93 13.00 37.92
C SER C 53 0.60 12.48 38.49
N SER C 54 0.35 12.75 39.76
CA SER C 54 -0.97 12.53 40.38
C SER C 54 -2.00 13.49 39.81
N ALA C 55 -3.28 13.13 39.92
CA ALA C 55 -4.38 14.03 39.56
C ALA C 55 -4.21 15.33 40.35
N GLY C 56 -4.42 16.45 39.66
CA GLY C 56 -4.35 17.79 40.27
C GLY C 56 -2.95 18.40 40.36
N VAL C 57 -1.95 17.64 39.92
CA VAL C 57 -0.59 18.17 39.88
C VAL C 57 -0.46 19.08 38.65
N LEU C 58 0.06 20.29 38.83
CA LEU C 58 0.33 21.15 37.68
C LEU C 58 1.84 21.36 37.55
N ARG C 59 2.38 21.09 36.37
CA ARG C 59 3.80 21.36 36.11
C ARG C 59 3.87 22.54 35.15
N GLY C 60 4.45 23.65 35.60
CA GLY C 60 4.59 24.85 34.74
C GLY C 60 4.43 26.13 35.54
N LEU C 61 4.39 27.29 34.88
CA LEU C 61 4.64 27.45 33.44
C LEU C 61 6.12 27.60 33.20
N HIS C 62 6.65 26.87 32.22
CA HIS C 62 8.10 26.85 32.02
C HIS C 62 8.49 27.32 30.62
N PHE C 63 9.60 28.06 30.55
CA PHE C 63 10.21 28.40 29.26
C PHE C 63 11.73 28.40 29.36
N ALA C 64 12.41 28.49 28.22
CA ALA C 64 13.88 28.55 28.21
C ALA C 64 14.29 29.79 27.41
N GLN C 65 15.21 30.57 27.98
CA GLN C 65 15.69 31.82 27.36
C GLN C 65 16.23 31.58 25.97
N LEU C 66 15.94 32.52 25.09
CA LEU C 66 16.45 32.46 23.73
C LEU C 66 17.78 33.28 23.60
N PRO C 67 18.80 32.73 22.89
CA PRO C 67 18.88 31.39 22.28
C PRO C 67 19.61 30.38 23.19
N PRO C 68 19.55 29.06 22.85
CA PRO C 68 18.76 28.41 21.80
C PRO C 68 17.34 28.08 22.26
N SER C 69 17.02 28.45 23.49
CA SER C 69 15.76 28.06 24.11
C SER C 69 15.63 26.52 24.08
N GLN C 70 14.41 26.01 24.06
CA GLN C 70 14.20 24.59 24.11
C GLN C 70 12.83 24.30 23.55
N ALA C 71 12.79 23.75 22.34
CA ALA C 71 11.53 23.28 21.76
C ALA C 71 11.16 21.92 22.35
N LYS C 72 9.86 21.65 22.42
CA LYS C 72 9.36 20.45 23.12
C LYS C 72 8.23 19.83 22.31
N TYR C 73 8.35 18.52 22.10
CA TYR C 73 7.36 17.70 21.39
C TYR C 73 6.77 16.75 22.43
N VAL C 74 5.51 16.99 22.78
CA VAL C 74 4.99 16.56 24.08
C VAL C 74 3.76 15.69 23.92
N THR C 75 3.71 14.56 24.62
CA THR C 75 2.55 13.67 24.55
C THR C 75 2.26 13.00 25.89
N CYS C 76 1.02 12.53 26.05
CA CYS C 76 0.63 11.78 27.24
C CYS C 76 0.47 10.29 26.87
N VAL C 77 1.28 9.43 27.46
CA VAL C 77 1.28 8.00 27.12
C VAL C 77 0.43 7.14 28.06
N SER C 78 0.03 7.72 29.21
CA SER C 78 -0.94 7.08 30.12
C SER C 78 -1.72 8.15 30.89
N GLY C 79 -3.03 7.94 31.08
CA GLY C 79 -3.87 8.92 31.75
C GLY C 79 -4.22 10.07 30.81
N SER C 80 -4.31 11.28 31.36
CA SER C 80 -4.67 12.47 30.59
C SER C 80 -4.23 13.73 31.29
N VAL C 81 -3.81 14.70 30.49
CA VAL C 81 -3.45 16.01 31.03
C VAL C 81 -4.04 17.13 30.17
N PHE C 82 -4.35 18.26 30.82
CA PHE C 82 -4.80 19.47 30.15
C PHE C 82 -3.52 20.28 29.90
N ASP C 83 -3.16 20.43 28.64
CA ASP C 83 -1.88 21.06 28.29
C ASP C 83 -2.07 22.49 27.76
N VAL C 84 -1.23 23.41 28.24
CA VAL C 84 -1.33 24.81 27.90
C VAL C 84 -0.03 25.38 27.31
N VAL C 85 -0.18 26.17 26.26
CA VAL C 85 0.92 27.02 25.74
C VAL C 85 0.57 28.50 25.89
N VAL C 86 1.55 29.32 26.27
CA VAL C 86 1.31 30.75 26.47
C VAL C 86 2.33 31.52 25.64
N ASP C 87 1.83 32.52 24.92
CA ASP C 87 2.66 33.36 24.09
C ASP C 87 3.31 34.45 24.97
N ILE C 88 4.53 34.20 25.35
CA ILE C 88 5.32 35.13 26.16
C ILE C 88 6.34 35.93 25.33
N ARG C 89 6.12 36.01 24.01
CA ARG C 89 7.08 36.64 23.10
C ARG C 89 6.73 38.13 22.93
N GLU C 90 7.45 39.00 23.63
CA GLU C 90 7.17 40.44 23.56
C GLU C 90 7.13 40.91 22.12
N GLY C 91 6.09 41.63 21.73
CA GLY C 91 5.96 42.07 20.35
C GLY C 91 5.15 41.10 19.50
N SER C 92 4.77 39.95 20.05
CA SER C 92 3.99 39.00 19.25
C SER C 92 2.62 39.58 18.95
N PRO C 93 2.11 39.34 17.73
CA PRO C 93 0.71 39.64 17.39
C PRO C 93 -0.27 38.98 18.37
N THR C 94 0.16 37.95 19.11
CA THR C 94 -0.71 37.28 20.09
C THR C 94 -0.13 37.22 21.51
N PHE C 95 0.73 38.18 21.82
CA PHE C 95 1.37 38.24 23.14
C PHE C 95 0.36 38.18 24.27
N GLY C 96 0.63 37.37 25.29
CA GLY C 96 -0.26 37.33 26.45
C GLY C 96 -1.42 36.35 26.33
N ARG C 97 -1.60 35.78 25.16
CA ARG C 97 -2.67 34.79 24.94
C ARG C 97 -2.21 33.35 25.15
N TRP C 98 -3.17 32.45 25.34
CA TRP C 98 -2.88 31.04 25.54
C TRP C 98 -3.81 30.13 24.74
N ASP C 99 -3.38 28.88 24.59
CA ASP C 99 -4.23 27.85 23.97
C ASP C 99 -3.95 26.50 24.63
N SER C 100 -4.81 25.53 24.36
CA SER C 100 -4.76 24.28 25.12
C SER C 100 -5.00 23.08 24.22
N VAL C 101 -4.46 21.95 24.64
CA VAL C 101 -4.67 20.66 23.96
C VAL C 101 -4.89 19.62 25.05
N LEU C 102 -5.84 18.71 24.79
CA LEU C 102 -6.08 17.59 25.68
C LEU C 102 -5.19 16.45 25.24
N LEU C 103 -4.19 16.15 26.07
CA LEU C 103 -3.27 15.07 25.79
C LEU C 103 -3.70 13.87 26.61
N ASP C 104 -3.98 12.75 25.94
CA ASP C 104 -4.40 11.54 26.65
C ASP C 104 -4.04 10.22 25.94
N ASP C 105 -4.23 9.09 26.63
CA ASP C 105 -3.98 7.75 26.06
C ASP C 105 -5.15 7.26 25.22
N GLN C 106 -6.11 8.14 24.92
CA GLN C 106 -7.25 7.75 24.07
C GLN C 106 -7.05 8.22 22.64
N ASP C 107 -6.91 9.53 22.43
CA ASP C 107 -6.68 10.05 21.08
C ASP C 107 -5.20 10.21 20.80
N ARG C 108 -4.40 10.19 21.86
CA ARG C 108 -2.92 10.17 21.75
C ARG C 108 -2.37 11.33 20.91
N ARG C 109 -2.94 12.51 21.14
CA ARG C 109 -2.46 13.70 20.48
C ARG C 109 -1.12 14.15 21.07
N THR C 110 -0.50 15.09 20.36
CA THR C 110 0.77 15.68 20.76
C THR C 110 0.65 17.19 20.58
N ILE C 111 1.37 17.93 21.42
CA ILE C 111 1.63 19.33 21.16
C ILE C 111 3.12 19.56 20.91
N TYR C 112 3.41 20.30 19.84
CA TYR C 112 4.77 20.79 19.60
C TYR C 112 4.83 22.25 20.04
N VAL C 113 5.76 22.56 20.94
CA VAL C 113 5.90 23.94 21.46
C VAL C 113 7.27 24.45 20.98
N SER C 114 7.26 25.40 20.05
CA SER C 114 8.54 25.89 19.51
C SER C 114 9.30 26.78 20.52
N GLU C 115 10.50 27.16 20.12
CA GLU C 115 11.41 27.99 20.91
C GLU C 115 10.82 29.32 21.38
N GLY C 116 10.99 29.64 22.66
CA GLY C 116 10.58 30.94 23.16
C GLY C 116 9.16 30.97 23.72
N LEU C 117 8.43 29.86 23.70
CA LEU C 117 7.06 29.84 24.26
C LEU C 117 7.04 29.30 25.70
N ALA C 118 5.98 29.56 26.47
CA ALA C 118 5.83 28.95 27.80
C ALA C 118 4.86 27.78 27.73
N HIS C 119 5.10 26.76 28.57
CA HIS C 119 4.36 25.49 28.52
C HIS C 119 4.08 24.94 29.93
N GLY C 120 2.95 24.24 30.08
CA GLY C 120 2.62 23.61 31.36
C GLY C 120 1.43 22.71 31.17
N PHE C 121 1.20 21.85 32.15
CA PHE C 121 0.03 20.97 32.08
C PHE C 121 -0.49 20.65 33.47
N LEU C 122 -1.79 20.33 33.52
CA LEU C 122 -2.44 19.91 34.76
C LEU C 122 -2.90 18.47 34.57
N ALA C 123 -2.43 17.57 35.43
CA ALA C 123 -2.80 16.16 35.32
C ALA C 123 -4.27 15.94 35.76
N LEU C 124 -5.01 15.19 34.95
CA LEU C 124 -6.45 15.02 35.18
C LEU C 124 -6.73 13.66 35.77
N GLN C 125 -5.89 12.69 35.45
CA GLN C 125 -6.01 11.34 36.00
C GLN C 125 -4.81 11.05 36.83
N ASP C 126 -5.00 10.21 37.84
CA ASP C 126 -3.87 9.75 38.61
C ASP C 126 -2.89 9.01 37.72
N ASN C 127 -1.61 9.12 38.02
CA ASN C 127 -0.61 8.29 37.36
C ASN C 127 -0.56 8.66 35.89
N SER C 128 -0.58 9.94 35.57
CA SER C 128 -0.54 10.33 34.17
C SER C 128 0.90 10.52 33.74
N THR C 129 1.29 9.88 32.63
CA THR C 129 2.69 9.87 32.18
C THR C 129 2.84 10.72 30.94
N VAL C 130 3.74 11.72 31.02
CA VAL C 130 4.03 12.62 29.90
C VAL C 130 5.49 12.38 29.43
N MET C 131 5.68 12.28 28.11
CA MET C 131 7.02 12.18 27.55
C MET C 131 7.21 13.37 26.61
N TYR C 132 8.39 13.98 26.63
CA TYR C 132 8.64 15.03 25.66
C TYR C 132 10.06 15.05 25.13
N LEU C 133 10.17 15.18 23.81
CA LEU C 133 11.44 15.33 23.12
C LEU C 133 11.85 16.79 23.25
N CYS C 134 13.14 17.04 23.46
CA CYS C 134 13.66 18.40 23.70
C CYS C 134 14.75 18.75 22.69
N SER C 135 14.78 19.99 22.21
CA SER C 135 15.82 20.43 21.27
C SER C 135 17.13 20.88 21.95
N ALA C 136 17.14 20.88 23.28
CA ALA C 136 18.33 21.24 24.06
C ALA C 136 18.40 20.43 25.35
N GLU C 137 19.62 20.17 25.81
CA GLU C 137 19.79 19.50 27.12
C GLU C 137 19.43 20.44 28.28
N TYR C 138 19.10 19.86 29.43
CA TYR C 138 18.80 20.59 30.66
C TYR C 138 19.79 21.71 30.96
N ASN C 139 19.27 22.91 31.09
CA ASN C 139 20.09 24.10 31.38
C ASN C 139 19.41 24.87 32.51
N PRO C 140 19.82 24.58 33.76
CA PRO C 140 19.17 25.19 34.94
C PRO C 140 19.23 26.73 34.93
N GLN C 141 20.31 27.30 34.39
CA GLN C 141 20.47 28.74 34.36
C GLN C 141 19.50 29.40 33.37
N ARG C 142 19.21 28.74 32.25
CA ARG C 142 18.45 29.36 31.18
C ARG C 142 16.98 28.93 31.12
N GLU C 143 16.61 27.99 31.97
CA GLU C 143 15.21 27.56 32.10
C GLU C 143 14.55 28.27 33.27
N HIS C 144 13.38 28.86 32.99
CA HIS C 144 12.71 29.76 33.92
C HIS C 144 11.23 29.47 34.10
N THR C 145 10.63 30.13 35.08
CA THR C 145 9.25 29.85 35.43
C THR C 145 8.38 31.08 35.44
N ILE C 146 7.07 30.86 35.25
CA ILE C 146 6.06 31.89 35.40
C ILE C 146 4.92 31.28 36.22
N CYS C 147 4.42 32.01 37.20
CA CYS C 147 3.28 31.55 38.00
C CYS C 147 2.14 31.07 37.12
N ALA C 148 1.81 29.78 37.23
CA ALA C 148 0.78 29.16 36.40
C ALA C 148 -0.62 29.77 36.61
N THR C 149 -0.87 30.33 37.80
CA THR C 149 -2.19 30.92 38.12
C THR C 149 -2.16 32.45 38.05
N ASP C 150 -1.15 32.98 37.34
CA ASP C 150 -1.02 34.42 37.17
C ASP C 150 -2.35 35.00 36.68
N PRO C 151 -2.82 36.10 37.31
CA PRO C 151 -4.14 36.69 36.99
C PRO C 151 -4.25 37.42 35.65
N THR C 152 -3.13 37.93 35.14
CA THR C 152 -3.06 38.55 33.80
C THR C 152 -3.20 37.50 32.69
N LEU C 153 -2.45 36.40 32.79
CA LEU C 153 -2.59 35.29 31.85
C LEU C 153 -3.94 34.60 31.98
N ALA C 154 -4.40 34.43 33.22
CA ALA C 154 -5.77 33.97 33.51
C ALA C 154 -6.12 32.67 32.78
N VAL C 155 -5.20 31.71 32.84
CA VAL C 155 -5.38 30.43 32.16
C VAL C 155 -6.50 29.65 32.88
N ASP C 156 -7.45 29.14 32.10
CA ASP C 156 -8.61 28.44 32.64
C ASP C 156 -8.30 26.96 32.97
N TRP C 157 -7.42 26.75 33.95
CA TRP C 157 -7.10 25.39 34.36
C TRP C 157 -8.39 24.75 34.91
N PRO C 158 -8.72 23.52 34.48
CA PRO C 158 -9.97 22.84 34.91
C PRO C 158 -9.94 22.33 36.37
N LEU C 159 -9.60 23.22 37.28
CA LEU C 159 -9.63 22.95 38.72
C LEU C 159 -11.06 23.08 39.21
N VAL C 160 -11.45 22.21 40.14
CA VAL C 160 -12.84 22.14 40.58
C VAL C 160 -13.02 22.80 41.94
N ASP C 161 -14.08 23.59 42.06
CA ASP C 161 -14.52 24.18 43.32
C ASP C 161 -13.41 24.97 44.00
N GLY C 162 -12.61 25.67 43.21
CA GLY C 162 -11.57 26.56 43.73
C GLY C 162 -10.29 25.84 44.15
N ALA C 163 -10.20 24.56 43.84
CA ALA C 163 -9.03 23.74 44.14
C ALA C 163 -7.78 24.46 43.68
N ALA C 164 -6.74 24.42 44.52
CA ALA C 164 -5.41 24.89 44.10
C ALA C 164 -4.63 23.77 43.43
N PRO C 165 -3.76 24.11 42.44
CA PRO C 165 -2.94 23.08 41.83
C PRO C 165 -1.93 22.56 42.84
N SER C 166 -1.57 21.29 42.73
CA SER C 166 -0.46 20.77 43.49
C SER C 166 0.85 21.06 42.75
N LEU C 167 1.69 21.91 43.36
CA LEU C 167 2.92 22.42 42.71
C LEU C 167 4.19 22.02 43.45
N SER C 168 5.28 21.89 42.70
CA SER C 168 6.62 21.78 43.28
C SER C 168 6.94 23.10 43.98
N ASP C 169 7.91 23.07 44.90
CA ASP C 169 8.42 24.30 45.52
C ASP C 169 8.85 25.33 44.46
N ARG C 170 9.52 24.86 43.40
CA ARG C 170 9.96 25.73 42.32
C ARG C 170 8.78 26.43 41.64
N ASP C 171 7.76 25.65 41.31
CA ASP C 171 6.58 26.23 40.65
C ASP C 171 5.71 27.07 41.58
N ALA C 172 5.70 26.74 42.88
CA ALA C 172 4.95 27.55 43.86
C ALA C 172 5.64 28.89 44.07
N ALA C 173 6.95 28.96 43.81
CA ALA C 173 7.74 30.18 44.02
C ALA C 173 7.82 31.01 42.72
N ALA C 174 7.30 30.46 41.64
CA ALA C 174 7.39 31.10 40.31
C ALA C 174 6.90 32.56 40.32
N PRO C 175 7.67 33.48 39.73
CA PRO C 175 7.27 34.91 39.75
C PRO C 175 6.00 35.19 38.92
N SER C 176 5.40 36.35 39.18
CA SER C 176 4.23 36.80 38.42
C SER C 176 4.69 37.09 36.99
N PHE C 177 3.76 37.11 36.05
CA PHE C 177 4.08 37.50 34.65
C PHE C 177 4.69 38.91 34.59
N GLU C 178 4.09 39.85 35.32
CA GLU C 178 4.65 41.21 35.42
C GLU C 178 6.14 41.17 35.78
N ASP C 179 6.49 40.46 36.85
CA ASP C 179 7.88 40.37 37.24
C ASP C 179 8.78 39.79 36.15
N VAL C 180 8.32 38.75 35.45
CA VAL C 180 9.11 38.18 34.36
C VAL C 180 9.27 39.17 33.19
N ARG C 181 8.20 39.92 32.89
CA ARG C 181 8.28 40.97 31.86
C ARG C 181 9.37 42.00 32.20
N ALA C 182 9.49 42.32 33.48
CA ALA C 182 10.45 43.36 33.92
C ALA C 182 11.90 42.81 33.96
N SER C 183 12.04 41.49 33.93
CA SER C 183 13.33 40.81 34.15
C SER C 183 14.25 40.85 32.94
N GLY C 184 13.69 41.03 31.75
CA GLY C 184 14.49 40.99 30.50
C GLY C 184 14.67 39.58 29.94
N LEU C 185 14.15 38.58 30.66
CA LEU C 185 14.30 37.19 30.26
C LEU C 185 13.40 36.75 29.12
N LEU C 186 12.30 37.47 28.87
CA LEU C 186 11.36 37.03 27.82
C LEU C 186 11.96 37.25 26.43
N PRO C 187 11.72 36.32 25.51
CA PRO C 187 12.21 36.55 24.15
C PRO C 187 11.34 37.58 23.43
N ARG C 188 11.90 38.22 22.39
CA ARG C 188 11.13 39.10 21.53
C ARG C 188 10.58 38.26 20.37
N TRP C 189 9.36 38.60 19.93
CA TRP C 189 8.78 38.01 18.72
C TRP C 189 9.73 38.04 17.51
N GLU C 190 10.29 39.21 17.23
CA GLU C 190 11.22 39.40 16.11
C GLU C 190 12.35 38.39 16.19
N GLN C 191 12.85 38.20 17.41
CA GLN C 191 13.98 37.33 17.72
C GLN C 191 13.62 35.85 17.52
N THR C 192 12.43 35.43 17.98
CA THR C 192 12.05 34.03 17.85
C THR C 192 11.83 33.70 16.37
N GLN C 193 11.16 34.61 15.65
CA GLN C 193 10.89 34.42 14.23
C GLN C 193 12.18 34.30 13.42
N ARG C 194 13.15 35.18 13.69
CA ARG C 194 14.49 35.13 13.07
C ARG C 194 15.19 33.81 13.39
N PHE C 195 15.18 33.44 14.68
CA PHE C 195 15.90 32.25 15.11
C PHE C 195 15.34 31.00 14.42
N ILE C 196 14.02 30.91 14.35
CA ILE C 196 13.36 29.79 13.70
C ILE C 196 13.58 29.85 12.18
N GLY C 197 13.49 31.05 11.61
CA GLY C 197 13.82 31.29 10.20
C GLY C 197 15.21 30.78 9.84
N GLU C 198 16.15 30.97 10.77
CA GLU C 198 17.54 30.55 10.57
C GLU C 198 17.76 29.03 10.58
N MET D 1 22.93 8.61 34.71
CA MET D 1 22.57 7.21 34.29
C MET D 1 23.73 6.22 34.36
N LYS D 2 23.37 4.94 34.39
CA LYS D 2 24.31 3.83 34.36
C LYS D 2 23.96 3.01 33.11
N ALA D 3 24.99 2.57 32.38
CA ALA D 3 24.79 1.75 31.15
C ALA D 3 25.65 0.50 31.20
N ARG D 4 25.00 -0.67 31.09
CA ARG D 4 25.67 -1.96 31.24
C ARG D 4 25.56 -2.74 29.96
N GLU D 5 26.70 -3.06 29.34
CA GLU D 5 26.69 -3.78 28.08
C GLU D 5 26.23 -5.21 28.32
N LEU D 6 25.31 -5.67 27.48
CA LEU D 6 24.77 -7.03 27.61
C LEU D 6 25.77 -8.08 27.11
N ASP D 7 25.39 -9.35 27.23
CA ASP D 7 26.24 -10.44 26.76
C ASP D 7 26.29 -10.53 25.23
N VAL D 8 25.37 -9.83 24.58
CA VAL D 8 25.42 -9.60 23.14
C VAL D 8 26.06 -8.23 23.00
N PRO D 9 27.31 -8.16 22.51
CA PRO D 9 27.95 -6.85 22.44
C PRO D 9 27.22 -5.90 21.51
N GLY D 10 27.19 -4.63 21.87
CA GLY D 10 26.48 -3.63 21.08
C GLY D 10 25.02 -3.48 21.50
N ALA D 11 24.64 -4.16 22.58
CA ALA D 11 23.35 -3.91 23.24
C ALA D 11 23.60 -3.61 24.72
N TRP D 12 22.90 -2.61 25.24
CA TRP D 12 23.13 -2.11 26.60
C TRP D 12 21.84 -2.00 27.36
N GLU D 13 21.89 -2.30 28.67
CA GLU D 13 20.81 -1.95 29.58
C GLU D 13 21.12 -0.61 30.26
N ILE D 14 20.19 0.31 30.18
CA ILE D 14 20.33 1.65 30.76
C ILE D 14 19.43 1.77 31.98
N THR D 15 19.94 2.35 33.06
CA THR D 15 19.18 2.49 34.29
C THR D 15 19.06 3.99 34.56
N PRO D 16 17.82 4.49 34.69
CA PRO D 16 17.61 5.93 34.86
C PRO D 16 17.86 6.38 36.31
N THR D 17 18.13 7.67 36.49
CA THR D 17 18.06 8.27 37.83
C THR D 17 16.63 8.79 38.02
N ILE D 18 15.89 8.19 38.92
CA ILE D 18 14.49 8.56 39.07
C ILE D 18 14.30 9.52 40.27
N HIS D 19 13.75 10.70 40.00
CA HIS D 19 13.52 11.71 41.04
C HIS D 19 12.08 11.65 41.52
N VAL D 20 11.89 11.19 42.77
CA VAL D 20 10.54 10.98 43.28
C VAL D 20 10.18 12.08 44.26
N ASP D 21 8.89 12.44 44.27
CA ASP D 21 8.31 13.26 45.36
C ASP D 21 6.83 12.94 45.54
N SER D 22 6.16 13.69 46.42
CA SER D 22 4.73 13.48 46.72
C SER D 22 3.83 13.71 45.50
N ARG D 23 4.33 14.47 44.53
CA ARG D 23 3.60 14.81 43.28
C ARG D 23 3.71 13.74 42.19
N GLY D 24 4.69 12.85 42.32
CA GLY D 24 4.93 11.81 41.31
C GLY D 24 6.41 11.56 41.10
N LEU D 25 6.84 11.50 39.84
CA LEU D 25 8.26 11.30 39.55
C LEU D 25 8.70 11.94 38.23
N PHE D 26 10.01 12.04 38.08
CA PHE D 26 10.64 12.63 36.90
C PHE D 26 11.94 11.91 36.62
N PHE D 27 12.22 11.69 35.33
CA PHE D 27 13.56 11.27 34.93
C PHE D 27 13.90 11.69 33.53
N GLU D 28 15.18 11.93 33.31
CA GLU D 28 15.70 12.12 31.96
C GLU D 28 15.88 10.73 31.32
N TRP D 29 15.03 10.45 30.32
CA TRP D 29 15.08 9.16 29.63
C TRP D 29 16.37 9.01 28.78
N LEU D 30 16.67 10.03 28.00
CA LEU D 30 17.93 10.12 27.27
C LEU D 30 18.50 11.52 27.37
N THR D 31 19.82 11.63 27.43
CA THR D 31 20.50 12.91 27.20
C THR D 31 21.60 12.69 26.18
N ASP D 32 21.91 13.73 25.41
CA ASP D 32 22.96 13.56 24.41
C ASP D 32 24.29 13.16 25.08
N HIS D 33 24.65 13.85 26.17
CA HIS D 33 25.92 13.54 26.84
C HIS D 33 25.95 12.10 27.41
N GLY D 34 24.83 11.65 27.98
CA GLY D 34 24.73 10.31 28.56
C GLY D 34 24.78 9.23 27.50
N PHE D 35 24.12 9.47 26.37
CA PHE D 35 24.16 8.52 25.24
C PHE D 35 25.57 8.40 24.62
N ARG D 36 26.23 9.55 24.38
CA ARG D 36 27.57 9.59 23.81
C ARG D 36 28.56 8.84 24.69
N ALA D 37 28.36 8.97 25.99
CA ALA D 37 29.26 8.36 26.99
C ALA D 37 29.36 6.84 26.84
N PHE D 38 28.26 6.17 26.50
CA PHE D 38 28.31 4.71 26.32
C PHE D 38 28.39 4.25 24.87
N ALA D 39 27.74 4.98 23.97
CA ALA D 39 27.68 4.61 22.56
C ALA D 39 28.84 5.13 21.70
N GLY D 40 29.52 6.18 22.14
CA GLY D 40 30.63 6.76 21.38
C GLY D 40 30.25 7.72 20.26
N HIS D 41 28.95 7.98 20.10
CA HIS D 41 28.46 8.97 19.13
C HIS D 41 27.06 9.40 19.55
N SER D 42 26.53 10.45 18.92
CA SER D 42 25.18 10.94 19.29
C SER D 42 24.12 10.11 18.58
N LEU D 43 22.95 9.96 19.24
CA LEU D 43 21.83 9.26 18.63
C LEU D 43 21.10 10.23 17.67
N ASP D 44 21.08 9.89 16.40
CA ASP D 44 20.40 10.70 15.38
C ASP D 44 18.96 10.20 15.33
N VAL D 45 18.10 10.82 16.14
CA VAL D 45 16.68 10.41 16.28
C VAL D 45 15.94 10.85 15.01
N ARG D 46 15.63 9.90 14.14
CA ARG D 46 14.94 10.20 12.90
C ARG D 46 13.45 9.82 12.96
N GLN D 47 13.09 9.03 13.97
CA GLN D 47 11.72 8.54 14.15
C GLN D 47 11.55 8.07 15.61
N VAL D 48 10.34 8.21 16.15
CA VAL D 48 10.04 7.65 17.46
C VAL D 48 8.70 6.91 17.35
N ASN D 49 8.65 5.65 17.77
CA ASN D 49 7.46 4.81 17.65
C ASN D 49 6.93 4.42 19.02
N CYS D 50 5.66 4.03 19.04
CA CYS D 50 4.99 3.63 20.29
C CYS D 50 4.00 2.52 20.00
N SER D 51 3.99 1.50 20.87
CA SER D 51 3.04 0.42 20.72
C SER D 51 2.39 0.11 22.06
N VAL D 52 1.20 -0.48 22.03
CA VAL D 52 0.51 -0.91 23.24
C VAL D 52 0.14 -2.36 22.93
N SER D 53 0.37 -3.25 23.88
CA SER D 53 0.19 -4.68 23.68
C SER D 53 -0.54 -5.30 24.85
N SER D 54 -1.40 -6.28 24.59
CA SER D 54 -2.02 -7.05 25.68
C SER D 54 -1.06 -8.15 26.15
N ALA D 55 -1.33 -8.72 27.33
CA ALA D 55 -0.49 -9.79 27.87
C ALA D 55 -0.40 -10.98 26.90
N GLY D 56 0.81 -11.52 26.75
CA GLY D 56 1.04 -12.70 25.91
C GLY D 56 1.37 -12.38 24.45
N VAL D 57 1.26 -11.10 24.07
CA VAL D 57 1.64 -10.65 22.73
C VAL D 57 3.15 -10.66 22.61
N LEU D 58 3.65 -11.28 21.55
CA LEU D 58 5.07 -11.23 21.22
C LEU D 58 5.26 -10.48 19.90
N ARG D 59 6.10 -9.45 19.92
CA ARG D 59 6.46 -8.70 18.73
C ARG D 59 7.93 -9.00 18.44
N GLY D 60 8.22 -9.54 17.27
CA GLY D 60 9.58 -9.93 16.92
C GLY D 60 9.66 -11.22 16.11
N LEU D 61 10.89 -11.66 15.77
CA LEU D 61 12.14 -10.90 16.01
C LEU D 61 12.41 -10.06 14.77
N HIS D 62 12.75 -8.78 14.98
CA HIS D 62 12.87 -7.82 13.90
C HIS D 62 14.26 -7.21 13.78
N PHE D 63 14.66 -6.89 12.55
CA PHE D 63 15.93 -6.22 12.29
C PHE D 63 15.83 -5.37 11.03
N ALA D 64 16.76 -4.43 10.86
CA ALA D 64 16.84 -3.68 9.62
C ALA D 64 18.20 -3.94 8.96
N GLN D 65 18.18 -4.20 7.65
CA GLN D 65 19.39 -4.38 6.85
C GLN D 65 20.38 -3.25 7.02
N LEU D 66 21.66 -3.60 7.04
CA LEU D 66 22.78 -2.66 7.10
C LEU D 66 23.31 -2.39 5.68
N PRO D 67 23.55 -1.11 5.31
CA PRO D 67 23.32 0.15 6.03
C PRO D 67 21.96 0.76 5.64
N PRO D 68 21.47 1.72 6.43
CA PRO D 68 22.01 2.18 7.72
C PRO D 68 21.46 1.35 8.90
N SER D 69 20.71 0.28 8.60
CA SER D 69 19.97 -0.43 9.66
C SER D 69 19.09 0.53 10.47
N GLN D 70 18.78 0.18 11.73
CA GLN D 70 18.01 1.04 12.59
C GLN D 70 18.30 0.75 14.07
N ALA D 71 19.04 1.64 14.71
CA ALA D 71 19.30 1.49 16.14
C ALA D 71 18.04 1.93 16.90
N LYS D 72 17.82 1.32 18.05
CA LYS D 72 16.59 1.51 18.83
C LYS D 72 16.94 1.70 20.29
N TYR D 73 16.38 2.76 20.87
CA TYR D 73 16.51 3.06 22.31
C TYR D 73 15.10 2.85 22.86
N VAL D 74 14.89 1.73 23.59
CA VAL D 74 13.57 1.18 23.85
C VAL D 74 13.28 1.11 25.34
N THR D 75 12.07 1.52 25.74
CA THR D 75 11.64 1.50 27.14
C THR D 75 10.16 1.17 27.26
N CYS D 76 9.75 0.77 28.48
CA CYS D 76 8.36 0.46 28.75
C CYS D 76 7.81 1.48 29.75
N VAL D 77 6.74 2.19 29.35
CA VAL D 77 6.18 3.28 30.15
C VAL D 77 4.89 2.88 30.88
N SER D 78 4.35 1.70 30.58
CA SER D 78 3.23 1.13 31.34
C SER D 78 3.25 -0.41 31.21
N GLY D 79 2.96 -1.12 32.29
CA GLY D 79 3.02 -2.59 32.30
C GLY D 79 4.46 -3.07 32.33
N SER D 80 4.72 -4.15 31.61
CA SER D 80 6.05 -4.78 31.56
C SER D 80 6.16 -5.70 30.37
N VAL D 81 7.37 -5.75 29.81
CA VAL D 81 7.71 -6.66 28.72
C VAL D 81 9.06 -7.32 28.99
N PHE D 82 9.22 -8.54 28.47
CA PHE D 82 10.47 -9.30 28.51
C PHE D 82 11.13 -9.05 27.17
N ASP D 83 12.23 -8.29 27.19
CA ASP D 83 12.87 -7.83 25.98
C ASP D 83 14.09 -8.67 25.62
N VAL D 84 14.22 -8.98 24.34
CA VAL D 84 15.28 -9.85 23.87
C VAL D 84 16.03 -9.23 22.70
N VAL D 85 17.35 -9.34 22.75
CA VAL D 85 18.22 -9.01 21.62
C VAL D 85 18.97 -10.27 21.17
N VAL D 86 19.11 -10.43 19.86
CA VAL D 86 19.78 -11.61 19.28
C VAL D 86 20.92 -11.18 18.36
N ASP D 87 22.10 -11.74 18.56
CA ASP D 87 23.25 -11.47 17.68
C ASP D 87 23.08 -12.19 16.34
N ILE D 88 22.70 -11.45 15.31
CA ILE D 88 22.49 -12.02 13.97
C ILE D 88 23.60 -11.60 13.01
N ARG D 89 24.69 -11.06 13.56
CA ARG D 89 25.80 -10.57 12.74
C ARG D 89 26.74 -11.71 12.33
N GLU D 90 26.67 -12.14 11.06
CA GLU D 90 27.45 -13.27 10.58
C GLU D 90 28.95 -13.05 10.85
N GLY D 91 29.58 -14.02 11.51
CA GLY D 91 30.99 -13.92 11.84
C GLY D 91 31.24 -13.37 13.23
N SER D 92 30.17 -12.94 13.92
CA SER D 92 30.30 -12.48 15.31
C SER D 92 30.81 -13.59 16.23
N PRO D 93 31.78 -13.28 17.13
CA PRO D 93 32.16 -14.21 18.19
C PRO D 93 30.96 -14.72 18.99
N THR D 94 29.85 -13.96 18.98
CA THR D 94 28.66 -14.36 19.73
C THR D 94 27.44 -14.57 18.81
N PHE D 95 27.73 -14.86 17.53
CA PHE D 95 26.67 -15.16 16.57
C PHE D 95 25.69 -16.19 17.13
N GLY D 96 24.39 -15.93 16.96
CA GLY D 96 23.34 -16.87 17.36
C GLY D 96 22.91 -16.81 18.82
N ARG D 97 23.61 -16.01 19.61
CA ARG D 97 23.29 -15.88 21.04
C ARG D 97 22.31 -14.76 21.30
N TRP D 98 21.71 -14.78 22.48
CA TRP D 98 20.71 -13.79 22.86
C TRP D 98 20.84 -13.34 24.31
N ASP D 99 20.30 -12.18 24.61
CA ASP D 99 20.24 -11.74 26.01
C ASP D 99 18.91 -11.06 26.19
N SER D 100 18.57 -10.77 27.45
CA SER D 100 17.27 -10.19 27.75
C SER D 100 17.35 -9.12 28.83
N VAL D 101 16.33 -8.27 28.88
CA VAL D 101 16.16 -7.28 29.94
C VAL D 101 14.67 -7.18 30.30
N LEU D 102 14.38 -6.95 31.57
CA LEU D 102 12.99 -6.70 31.97
C LEU D 102 12.72 -5.20 31.90
N LEU D 103 11.89 -4.79 30.94
CA LEU D 103 11.49 -3.38 30.82
C LEU D 103 10.11 -3.22 31.44
N ASP D 104 10.00 -2.31 32.41
CA ASP D 104 8.74 -2.11 33.10
C ASP D 104 8.55 -0.69 33.63
N ASP D 105 7.37 -0.41 34.17
CA ASP D 105 7.03 0.92 34.67
C ASP D 105 7.41 1.06 36.15
N GLN D 106 8.22 0.12 36.65
CA GLN D 106 8.67 0.13 38.04
C GLN D 106 10.12 0.59 38.12
N ASP D 107 11.03 -0.14 37.49
CA ASP D 107 12.44 0.27 37.45
C ASP D 107 12.76 1.14 36.24
N ARG D 108 11.87 1.09 35.23
CA ARG D 108 11.91 2.04 34.10
C ARG D 108 13.24 2.00 33.34
N ARG D 109 13.79 0.80 33.20
CA ARG D 109 15.04 0.60 32.48
C ARG D 109 14.81 0.77 30.97
N THR D 110 15.92 0.84 30.24
CA THR D 110 15.89 0.97 28.80
C THR D 110 16.87 -0.03 28.21
N ILE D 111 16.58 -0.52 27.00
CA ILE D 111 17.58 -1.22 26.24
C ILE D 111 17.93 -0.41 24.98
N TYR D 112 19.23 -0.27 24.73
CA TYR D 112 19.71 0.25 23.45
C TYR D 112 20.17 -0.91 22.60
N VAL D 113 19.59 -1.01 21.41
CA VAL D 113 19.94 -2.06 20.45
C VAL D 113 20.62 -1.39 19.26
N SER D 114 21.92 -1.64 19.11
CA SER D 114 22.66 -1.02 17.99
C SER D 114 22.30 -1.61 16.63
N GLU D 115 22.80 -0.95 15.58
CA GLU D 115 22.57 -1.34 14.19
C GLU D 115 22.99 -2.80 13.91
N GLY D 116 22.15 -3.50 13.17
CA GLY D 116 22.42 -4.86 12.73
C GLY D 116 22.10 -5.94 13.75
N LEU D 117 21.35 -5.62 14.81
CA LEU D 117 20.90 -6.68 15.74
C LEU D 117 19.43 -6.99 15.54
N ALA D 118 18.96 -8.13 16.06
CA ALA D 118 17.53 -8.45 16.07
C ALA D 118 16.95 -8.25 17.46
N HIS D 119 15.69 -7.85 17.51
CA HIS D 119 15.07 -7.40 18.74
C HIS D 119 13.59 -7.83 18.77
N GLY D 120 13.10 -8.14 19.97
CA GLY D 120 11.69 -8.43 20.15
C GLY D 120 11.33 -8.45 21.60
N PHE D 121 10.04 -8.44 21.91
CA PHE D 121 9.62 -8.55 23.29
C PHE D 121 8.29 -9.27 23.42
N LEU D 122 8.05 -9.83 24.62
CA LEU D 122 6.81 -10.46 24.99
C LEU D 122 6.18 -9.62 26.09
N ALA D 123 4.97 -9.13 25.84
CA ALA D 123 4.22 -8.36 26.85
C ALA D 123 3.76 -9.25 28.00
N LEU D 124 4.04 -8.81 29.20
CA LEU D 124 3.75 -9.60 30.41
C LEU D 124 2.44 -9.20 31.08
N GLN D 125 1.95 -7.99 30.82
CA GLN D 125 0.66 -7.56 31.35
C GLN D 125 -0.13 -6.86 30.25
N ASP D 126 -1.43 -6.71 30.47
CA ASP D 126 -2.26 -5.94 29.56
C ASP D 126 -1.83 -4.49 29.56
N ASN D 127 -2.08 -3.80 28.45
CA ASN D 127 -1.74 -2.38 28.34
C ASN D 127 -0.26 -2.08 28.60
N SER D 128 0.60 -2.88 28.02
CA SER D 128 2.03 -2.65 28.16
C SER D 128 2.46 -1.74 27.01
N THR D 129 2.90 -0.53 27.35
CA THR D 129 3.23 0.52 26.36
C THR D 129 4.73 0.62 26.22
N VAL D 130 5.20 0.54 24.97
CA VAL D 130 6.63 0.57 24.67
C VAL D 130 6.91 1.75 23.73
N MET D 131 7.93 2.54 24.06
CA MET D 131 8.37 3.66 23.22
C MET D 131 9.80 3.39 22.77
N TYR D 132 10.12 3.76 21.53
CA TYR D 132 11.49 3.64 21.10
C TYR D 132 11.94 4.71 20.11
N LEU D 133 13.09 5.31 20.41
CA LEU D 133 13.79 6.20 19.50
C LEU D 133 14.50 5.39 18.43
N CYS D 134 14.47 5.86 17.18
CA CYS D 134 15.05 5.14 16.07
C CYS D 134 16.02 6.03 15.34
N SER D 135 17.14 5.42 14.92
CA SER D 135 18.16 6.13 14.13
C SER D 135 17.83 6.26 12.64
N ALA D 136 16.70 5.67 12.21
CA ALA D 136 16.30 5.69 10.80
C ALA D 136 14.79 5.62 10.72
N GLU D 137 14.22 6.22 9.68
CA GLU D 137 12.78 6.25 9.52
C GLU D 137 12.31 4.88 9.03
N TYR D 138 11.03 4.61 9.17
CA TYR D 138 10.41 3.35 8.72
C TYR D 138 10.79 3.03 7.29
N ASN D 139 11.20 1.78 7.05
CA ASN D 139 11.55 1.32 5.71
C ASN D 139 11.09 -0.12 5.58
N PRO D 140 9.83 -0.32 5.21
CA PRO D 140 9.35 -1.72 5.31
C PRO D 140 10.09 -2.68 4.39
N GLN D 141 10.70 -2.19 3.31
CA GLN D 141 11.47 -3.06 2.42
C GLN D 141 12.79 -3.51 3.01
N ARG D 142 13.36 -2.71 3.92
CA ARG D 142 14.67 -3.03 4.53
C ARG D 142 14.56 -3.58 5.95
N GLU D 143 13.32 -3.65 6.46
CA GLU D 143 13.01 -4.17 7.78
C GLU D 143 12.46 -5.59 7.62
N HIS D 144 13.03 -6.54 8.37
CA HIS D 144 12.76 -7.98 8.16
C HIS D 144 12.49 -8.70 9.47
N THR D 145 12.04 -9.96 9.37
CA THR D 145 11.64 -10.70 10.56
C THR D 145 12.32 -12.08 10.59
N ILE D 146 12.45 -12.61 11.80
CA ILE D 146 12.94 -13.95 12.04
C ILE D 146 11.95 -14.56 13.03
N CYS D 147 11.52 -15.80 12.78
CA CYS D 147 10.60 -16.50 13.67
C CYS D 147 11.07 -16.47 15.14
N ALA D 148 10.23 -15.90 15.99
CA ALA D 148 10.59 -15.64 17.41
C ALA D 148 10.88 -16.93 18.17
N THR D 149 10.24 -18.02 17.74
CA THR D 149 10.37 -19.32 18.41
C THR D 149 11.28 -20.24 17.60
N ASP D 150 12.16 -19.65 16.79
CA ASP D 150 13.15 -20.44 16.07
C ASP D 150 13.87 -21.39 17.04
N PRO D 151 13.90 -22.70 16.72
CA PRO D 151 14.49 -23.72 17.59
C PRO D 151 16.00 -23.61 17.71
N THR D 152 16.66 -23.05 16.72
CA THR D 152 18.12 -22.86 16.82
C THR D 152 18.45 -21.73 17.78
N LEU D 153 17.83 -20.57 17.60
CA LEU D 153 18.01 -19.44 18.52
C LEU D 153 17.54 -19.81 19.91
N ALA D 154 16.39 -20.49 19.98
CA ALA D 154 15.89 -21.07 21.25
C ALA D 154 15.80 -20.03 22.37
N VAL D 155 15.18 -18.90 22.04
CA VAL D 155 14.92 -17.85 23.03
C VAL D 155 13.93 -18.37 24.06
N ASP D 156 14.26 -18.19 25.34
CA ASP D 156 13.45 -18.70 26.43
C ASP D 156 12.35 -17.71 26.83
N TRP D 157 11.37 -17.51 25.96
CA TRP D 157 10.25 -16.61 26.25
C TRP D 157 9.44 -17.11 27.45
N PRO D 158 9.23 -16.25 28.47
CA PRO D 158 8.45 -16.64 29.67
C PRO D 158 6.95 -16.64 29.36
N LEU D 159 6.55 -17.54 28.48
CA LEU D 159 5.20 -17.62 27.97
C LEU D 159 4.14 -17.49 29.07
N VAL D 160 3.33 -16.45 28.95
CA VAL D 160 2.31 -16.08 29.94
C VAL D 160 1.34 -17.23 30.12
N ASP D 161 1.35 -17.81 31.33
CA ASP D 161 0.56 -19.00 31.66
C ASP D 161 0.93 -20.22 30.83
N GLY D 162 2.15 -20.23 30.29
CA GLY D 162 2.61 -21.33 29.44
C GLY D 162 1.96 -21.36 28.07
N ALA D 163 1.02 -20.43 27.84
CA ALA D 163 0.27 -20.37 26.59
C ALA D 163 1.14 -19.92 25.45
N ALA D 164 0.82 -20.38 24.23
CA ALA D 164 1.49 -19.87 23.03
C ALA D 164 1.37 -18.34 22.92
N PRO D 165 2.38 -17.68 22.35
CA PRO D 165 2.30 -16.22 22.24
C PRO D 165 1.29 -15.82 21.16
N SER D 166 0.77 -14.61 21.25
CA SER D 166 -0.09 -14.12 20.19
C SER D 166 0.70 -13.18 19.30
N LEU D 167 0.75 -13.52 18.02
CA LEU D 167 1.60 -12.87 17.05
C LEU D 167 0.75 -12.20 15.99
N SER D 168 1.26 -11.14 15.38
CA SER D 168 0.65 -10.60 14.18
C SER D 168 0.76 -11.64 13.06
N ASP D 169 0.00 -11.45 11.99
CA ASP D 169 0.12 -12.33 10.84
C ASP D 169 1.55 -12.32 10.30
N ARG D 170 2.14 -11.13 10.30
CA ARG D 170 3.50 -10.94 9.81
C ARG D 170 4.52 -11.76 10.61
N ASP D 171 4.42 -11.73 11.93
CA ASP D 171 5.35 -12.50 12.78
C ASP D 171 5.07 -14.01 12.82
N ALA D 172 3.79 -14.36 12.66
CA ALA D 172 3.38 -15.76 12.56
C ALA D 172 3.94 -16.37 11.26
N ALA D 173 4.13 -15.53 10.24
CA ALA D 173 4.66 -15.97 8.94
C ALA D 173 6.17 -15.81 8.81
N ALA D 174 6.82 -15.38 9.89
CA ALA D 174 8.27 -15.08 9.86
C ALA D 174 9.08 -16.32 9.49
N PRO D 175 10.05 -16.18 8.58
CA PRO D 175 10.83 -17.36 8.17
C PRO D 175 11.77 -17.85 9.28
N SER D 176 12.22 -19.10 9.17
CA SER D 176 13.19 -19.67 10.13
C SER D 176 14.52 -18.89 10.11
N PHE D 177 15.28 -18.96 11.20
CA PHE D 177 16.61 -18.35 11.24
C PHE D 177 17.43 -18.88 10.06
N GLU D 178 17.31 -20.18 9.79
CA GLU D 178 18.02 -20.84 8.70
C GLU D 178 17.70 -20.19 7.35
N ASP D 179 16.42 -19.96 7.09
CA ASP D 179 15.97 -19.35 5.84
C ASP D 179 16.49 -17.91 5.73
N VAL D 180 16.52 -17.20 6.85
CA VAL D 180 17.03 -15.83 6.85
C VAL D 180 18.54 -15.79 6.55
N ARG D 181 19.30 -16.72 7.12
CA ARG D 181 20.73 -16.86 6.82
C ARG D 181 21.01 -17.11 5.32
N ALA D 182 20.11 -17.86 4.68
CA ALA D 182 20.25 -18.18 3.27
C ALA D 182 19.91 -17.00 2.36
N SER D 183 19.20 -16.00 2.92
CA SER D 183 18.66 -14.87 2.16
C SER D 183 19.71 -13.83 1.77
N GLY D 184 20.81 -13.78 2.51
CA GLY D 184 21.82 -12.74 2.28
C GLY D 184 21.50 -11.41 2.95
N LEU D 185 20.39 -11.36 3.69
CA LEU D 185 19.92 -10.15 4.37
C LEU D 185 20.64 -9.84 5.68
N LEU D 186 21.25 -10.84 6.32
CA LEU D 186 21.90 -10.60 7.61
C LEU D 186 23.17 -9.75 7.46
N PRO D 187 23.43 -8.87 8.43
CA PRO D 187 24.67 -8.11 8.33
C PRO D 187 25.85 -8.98 8.73
N ARG D 188 27.05 -8.53 8.38
CA ARG D 188 28.28 -9.18 8.77
C ARG D 188 28.90 -8.46 9.98
N TRP D 189 29.55 -9.22 10.86
CA TRP D 189 30.20 -8.68 12.06
C TRP D 189 31.21 -7.57 11.72
N GLU D 190 32.05 -7.83 10.73
CA GLU D 190 33.06 -6.87 10.26
C GLU D 190 32.41 -5.60 9.72
N GLN D 191 31.36 -5.79 8.93
CA GLN D 191 30.55 -4.72 8.35
C GLN D 191 29.99 -3.82 9.47
N THR D 192 29.37 -4.43 10.47
CA THR D 192 28.70 -3.71 11.54
C THR D 192 29.66 -2.89 12.43
N GLN D 193 30.77 -3.53 12.81
CA GLN D 193 31.82 -2.86 13.59
C GLN D 193 32.38 -1.63 12.85
N ARG D 194 32.69 -1.80 11.55
CA ARG D 194 33.16 -0.69 10.71
C ARG D 194 32.13 0.47 10.65
N PHE D 195 30.87 0.12 10.41
CA PHE D 195 29.80 1.12 10.31
C PHE D 195 29.69 1.94 11.59
N ILE D 196 29.70 1.27 12.74
CA ILE D 196 29.60 1.96 14.03
C ILE D 196 30.89 2.73 14.35
N GLY D 197 32.03 2.11 14.05
CA GLY D 197 33.34 2.72 14.23
C GLY D 197 33.45 4.04 13.51
N GLU D 198 32.97 4.06 12.27
CA GLU D 198 32.91 5.25 11.44
C GLU D 198 32.08 6.36 12.10
#